data_1DNO
# 
_entry.id   1DNO 
# 
_audit_conform.dict_name       mmcif_pdbx.dic 
_audit_conform.dict_version    5.386 
_audit_conform.dict_location   http://mmcif.pdb.org/dictionaries/ascii/mmcif_pdbx.dic 
# 
loop_
_database_2.database_id 
_database_2.database_code 
_database_2.pdbx_database_accession 
_database_2.pdbx_DOI 
PDB   1DNO         pdb_00001dno 10.2210/pdb1dno/pdb 
NDB   AH0007       ?            ?                   
RCSB  RCSB010227   ?            ?                   
WWPDB D_1000010227 ?            ?                   
# 
loop_
_pdbx_audit_revision_history.ordinal 
_pdbx_audit_revision_history.data_content_type 
_pdbx_audit_revision_history.major_revision 
_pdbx_audit_revision_history.minor_revision 
_pdbx_audit_revision_history.revision_date 
1 'Structure model' 1 0 2000-04-10 
2 'Structure model' 1 1 2008-04-27 
3 'Structure model' 1 2 2011-07-13 
4 'Structure model' 1 3 2024-02-07 
# 
_pdbx_audit_revision_details.ordinal             1 
_pdbx_audit_revision_details.revision_ordinal    1 
_pdbx_audit_revision_details.data_content_type   'Structure model' 
_pdbx_audit_revision_details.provider            repository 
_pdbx_audit_revision_details.type                'Initial release' 
_pdbx_audit_revision_details.description         ? 
_pdbx_audit_revision_details.details             ? 
# 
loop_
_pdbx_audit_revision_group.ordinal 
_pdbx_audit_revision_group.revision_ordinal 
_pdbx_audit_revision_group.data_content_type 
_pdbx_audit_revision_group.group 
1 2 'Structure model' 'Version format compliance' 
2 3 'Structure model' 'Version format compliance' 
3 4 'Structure model' 'Data collection'           
4 4 'Structure model' 'Database references'       
5 4 'Structure model' 'Derived calculations'      
6 4 'Structure model' 'Structure summary'         
# 
loop_
_pdbx_audit_revision_category.ordinal 
_pdbx_audit_revision_category.revision_ordinal 
_pdbx_audit_revision_category.data_content_type 
_pdbx_audit_revision_category.category 
1 4 'Structure model' chem_comp_atom         
2 4 'Structure model' chem_comp_bond         
3 4 'Structure model' database_2             
4 4 'Structure model' pdbx_struct_conn_angle 
5 4 'Structure model' struct_conn            
6 4 'Structure model' struct_keywords        
7 4 'Structure model' struct_site            
# 
loop_
_pdbx_audit_revision_item.ordinal 
_pdbx_audit_revision_item.revision_ordinal 
_pdbx_audit_revision_item.data_content_type 
_pdbx_audit_revision_item.item 
1  4 'Structure model' '_database_2.pdbx_DOI'                        
2  4 'Structure model' '_database_2.pdbx_database_accession'         
3  4 'Structure model' '_pdbx_struct_conn_angle.ptnr1_auth_asym_id'  
4  4 'Structure model' '_pdbx_struct_conn_angle.ptnr1_auth_seq_id'   
5  4 'Structure model' '_pdbx_struct_conn_angle.ptnr1_label_asym_id' 
6  4 'Structure model' '_pdbx_struct_conn_angle.ptnr2_auth_asym_id'  
7  4 'Structure model' '_pdbx_struct_conn_angle.ptnr2_auth_seq_id'   
8  4 'Structure model' '_pdbx_struct_conn_angle.ptnr2_label_asym_id' 
9  4 'Structure model' '_pdbx_struct_conn_angle.ptnr3_auth_asym_id'  
10 4 'Structure model' '_pdbx_struct_conn_angle.ptnr3_auth_seq_id'   
11 4 'Structure model' '_pdbx_struct_conn_angle.ptnr3_label_asym_id' 
12 4 'Structure model' '_pdbx_struct_conn_angle.value'               
13 4 'Structure model' '_struct_conn.pdbx_dist_value'                
14 4 'Structure model' '_struct_conn.ptnr1_auth_asym_id'             
15 4 'Structure model' '_struct_conn.ptnr1_auth_comp_id'             
16 4 'Structure model' '_struct_conn.ptnr1_auth_seq_id'              
17 4 'Structure model' '_struct_conn.ptnr1_label_asym_id'            
18 4 'Structure model' '_struct_conn.ptnr1_label_atom_id'            
19 4 'Structure model' '_struct_conn.ptnr1_label_comp_id'            
20 4 'Structure model' '_struct_conn.ptnr2_auth_asym_id'             
21 4 'Structure model' '_struct_conn.ptnr2_auth_comp_id'             
22 4 'Structure model' '_struct_conn.ptnr2_auth_seq_id'              
23 4 'Structure model' '_struct_conn.ptnr2_label_asym_id'            
24 4 'Structure model' '_struct_conn.ptnr2_label_atom_id'            
25 4 'Structure model' '_struct_conn.ptnr2_label_comp_id'            
26 4 'Structure model' '_struct_keywords.text'                       
27 4 'Structure model' '_struct_site.pdbx_auth_asym_id'              
28 4 'Structure model' '_struct_site.pdbx_auth_comp_id'              
29 4 'Structure model' '_struct_site.pdbx_auth_seq_id'               
# 
_pdbx_database_status.status_code                     REL 
_pdbx_database_status.entry_id                        1DNO 
_pdbx_database_status.recvd_initial_deposition_date   1999-12-16 
_pdbx_database_status.deposit_site                    RCSB 
_pdbx_database_status.process_site                    RCSB 
_pdbx_database_status.status_code_sf                  REL 
_pdbx_database_status.SG_entry                        . 
_pdbx_database_status.status_code_mr                  ? 
_pdbx_database_status.pdb_format_compatible           Y 
_pdbx_database_status.status_code_cs                  ? 
_pdbx_database_status.status_code_nmr_data            ? 
_pdbx_database_status.methods_development_category    ? 
# 
_pdbx_database_related.db_name        NDB 
_pdbx_database_related.db_id          AHJ015 
_pdbx_database_related.details        . 
_pdbx_database_related.content_type   unspecified 
# 
loop_
_audit_author.name 
_audit_author.pdbx_ordinal 
'Robinson, H.'   1 
'Gao, Y.-G.'     2 
'Sanishvili, R.' 3 
'Joachimiak, A.' 4 
'Wang, A.H.-J.'  5 
# 
_citation.id                        primary 
_citation.title                     
'Hexahydrated magnesium ions bind in the deep major groove and at the outer mouth of A-form nucleic acid duplexes.' 
_citation.journal_abbrev            'Nucleic Acids Res.' 
_citation.journal_volume            28 
_citation.page_first                1760 
_citation.page_last                 1766 
_citation.year                      2000 
_citation.journal_id_ASTM           NARHAD 
_citation.country                   UK 
_citation.journal_id_ISSN           0305-1048 
_citation.journal_id_CSD            0389 
_citation.book_publisher            ? 
_citation.pdbx_database_id_PubMed   10734195 
_citation.pdbx_database_id_DOI      10.1093/nar/28.8.1760 
# 
loop_
_citation_author.citation_id 
_citation_author.name 
_citation_author.ordinal 
_citation_author.identifier_ORCID 
primary 'Robinson, H.'   1 ? 
primary 'Gao, Y.G.'      2 ? 
primary 'Sanishvili, R.' 3 ? 
primary 'Joachimiak, A.' 4 ? 
primary 'Wang, A.H.'     5 ? 
# 
loop_
_entity.id 
_entity.type 
_entity.src_method 
_entity.pdbx_description 
_entity.formula_weight 
_entity.pdbx_number_of_molecules 
_entity.pdbx_ec 
_entity.pdbx_mutation 
_entity.pdbx_fragment 
_entity.details 
1 polymer     syn 
;DNA/RNA (5'-R(*GP*CP*GP)-D(*TP*AP*TP*AP*CP*GP*C)-3')
;
3093.005 2   ? ? ? ? 
2 non-polymer syn 'MAGNESIUM ION'                                        24.305   4   ? ? ? ? 
3 water       nat water                                                  18.015   120 ? ? ? ? 
# 
_entity_poly.entity_id                      1 
_entity_poly.type                           'polydeoxyribonucleotide/polyribonucleotide hybrid' 
_entity_poly.nstd_linkage                   no 
_entity_poly.nstd_monomer                   no 
_entity_poly.pdbx_seq_one_letter_code       'GCG(DT)(DA)(DT)(DA)(DC)(DG)(DC)' 
_entity_poly.pdbx_seq_one_letter_code_can   GCGTATACGC 
_entity_poly.pdbx_strand_id                 A,B 
_entity_poly.pdbx_target_identifier         ? 
# 
loop_
_pdbx_entity_nonpoly.entity_id 
_pdbx_entity_nonpoly.name 
_pdbx_entity_nonpoly.comp_id 
2 'MAGNESIUM ION' MG  
3 water           HOH 
# 
loop_
_entity_poly_seq.entity_id 
_entity_poly_seq.num 
_entity_poly_seq.mon_id 
_entity_poly_seq.hetero 
1 1  G  n 
1 2  C  n 
1 3  G  n 
1 4  DT n 
1 5  DA n 
1 6  DT n 
1 7  DA n 
1 8  DC n 
1 9  DG n 
1 10 DC n 
# 
loop_
_chem_comp.id 
_chem_comp.type 
_chem_comp.mon_nstd_flag 
_chem_comp.name 
_chem_comp.pdbx_synonyms 
_chem_comp.formula 
_chem_comp.formula_weight 
C   'RNA linking' y "CYTIDINE-5'-MONOPHOSPHATE"          ? 'C9 H14 N3 O8 P'  323.197 
DA  'DNA linking' y "2'-DEOXYADENOSINE-5'-MONOPHOSPHATE" ? 'C10 H14 N5 O6 P' 331.222 
DC  'DNA linking' y "2'-DEOXYCYTIDINE-5'-MONOPHOSPHATE"  ? 'C9 H14 N3 O7 P'  307.197 
DG  'DNA linking' y "2'-DEOXYGUANOSINE-5'-MONOPHOSPHATE" ? 'C10 H14 N5 O7 P' 347.221 
DT  'DNA linking' y "THYMIDINE-5'-MONOPHOSPHATE"         ? 'C10 H15 N2 O8 P' 322.208 
G   'RNA linking' y "GUANOSINE-5'-MONOPHOSPHATE"         ? 'C10 H14 N5 O8 P' 363.221 
HOH non-polymer   . WATER                                ? 'H2 O'            18.015  
MG  non-polymer   . 'MAGNESIUM ION'                      ? 'Mg 2'            24.305  
# 
loop_
_pdbx_poly_seq_scheme.asym_id 
_pdbx_poly_seq_scheme.entity_id 
_pdbx_poly_seq_scheme.seq_id 
_pdbx_poly_seq_scheme.mon_id 
_pdbx_poly_seq_scheme.ndb_seq_num 
_pdbx_poly_seq_scheme.pdb_seq_num 
_pdbx_poly_seq_scheme.auth_seq_num 
_pdbx_poly_seq_scheme.pdb_mon_id 
_pdbx_poly_seq_scheme.auth_mon_id 
_pdbx_poly_seq_scheme.pdb_strand_id 
_pdbx_poly_seq_scheme.pdb_ins_code 
_pdbx_poly_seq_scheme.hetero 
A 1 1  G  1  1  1  G  G A . n 
A 1 2  C  2  2  2  C  C A . n 
A 1 3  G  3  3  3  G  G A . n 
A 1 4  DT 4  4  4  DT T A . n 
A 1 5  DA 5  5  5  DA A A . n 
A 1 6  DT 6  6  6  DT T A . n 
A 1 7  DA 7  7  7  DA A A . n 
A 1 8  DC 8  8  8  DC C A . n 
A 1 9  DG 9  9  9  DG G A . n 
A 1 10 DC 10 10 10 DC C A . n 
B 1 1  G  1  11 11 G  G B . n 
B 1 2  C  2  12 12 C  C B . n 
B 1 3  G  3  13 13 G  G B . n 
B 1 4  DT 4  14 14 DT T B . n 
B 1 5  DA 5  15 15 DA A B . n 
B 1 6  DT 6  16 16 DT T B . n 
B 1 7  DA 7  17 17 DA A B . n 
B 1 8  DC 8  18 18 DC C B . n 
B 1 9  DG 9  19 19 DG G B . n 
B 1 10 DC 10 20 20 DC C B . n 
# 
loop_
_pdbx_nonpoly_scheme.asym_id 
_pdbx_nonpoly_scheme.entity_id 
_pdbx_nonpoly_scheme.mon_id 
_pdbx_nonpoly_scheme.ndb_seq_num 
_pdbx_nonpoly_scheme.pdb_seq_num 
_pdbx_nonpoly_scheme.auth_seq_num 
_pdbx_nonpoly_scheme.pdb_mon_id 
_pdbx_nonpoly_scheme.auth_mon_id 
_pdbx_nonpoly_scheme.pdb_strand_id 
_pdbx_nonpoly_scheme.pdb_ins_code 
C 2 MG  1  24  24  MG  MO6 A . 
D 2 MG  1  21  21  MG  MO6 B . 
E 2 MG  1  22  22  MG  MO6 B . 
F 2 MG  1  23  23  MG  MO6 B . 
G 3 HOH 1  102 102 HOH HOH A . 
G 3 HOH 2  104 104 HOH HOH A . 
G 3 HOH 3  105 105 HOH HOH A . 
G 3 HOH 4  107 107 HOH HOH A . 
G 3 HOH 5  111 111 HOH HOH A . 
G 3 HOH 6  113 113 HOH HOH A . 
G 3 HOH 7  114 114 HOH HOH A . 
G 3 HOH 8  117 117 HOH HOH A . 
G 3 HOH 9  120 120 HOH HOH A . 
G 3 HOH 10 121 121 HOH HOH A . 
G 3 HOH 11 122 122 HOH HOH A . 
G 3 HOH 12 123 123 HOH HOH A . 
G 3 HOH 13 125 125 HOH HOH A . 
G 3 HOH 14 126 126 HOH HOH A . 
G 3 HOH 15 127 127 HOH HOH A . 
G 3 HOH 16 128 128 HOH HOH A . 
G 3 HOH 17 130 130 HOH HOH A . 
G 3 HOH 18 131 131 HOH HOH A . 
G 3 HOH 19 136 136 HOH HOH A . 
G 3 HOH 20 137 137 HOH HOH A . 
G 3 HOH 21 139 139 HOH HOH A . 
G 3 HOH 22 141 141 HOH HOH A . 
G 3 HOH 23 145 145 HOH HOH A . 
G 3 HOH 24 150 150 HOH HOH A . 
G 3 HOH 25 154 154 HOH HOH A . 
G 3 HOH 26 156 156 HOH HOH A . 
G 3 HOH 27 158 158 HOH HOH A . 
G 3 HOH 28 161 161 HOH HOH A . 
G 3 HOH 29 164 164 HOH HOH A . 
G 3 HOH 30 172 172 HOH HOH A . 
G 3 HOH 31 173 173 HOH HOH A . 
G 3 HOH 32 177 177 HOH HOH A . 
G 3 HOH 33 178 178 HOH HOH A . 
G 3 HOH 34 179 179 HOH HOH A . 
G 3 HOH 35 183 183 HOH HOH A . 
G 3 HOH 36 184 184 HOH HOH A . 
G 3 HOH 37 188 188 HOH HOH A . 
G 3 HOH 38 189 189 HOH HOH A . 
G 3 HOH 39 190 190 HOH HOH A . 
G 3 HOH 40 192 192 HOH HOH A . 
G 3 HOH 41 193 193 HOH HOH A . 
G 3 HOH 42 205 22  HOH MO6 A . 
G 3 HOH 43 215 24  HOH MO6 A . 
G 3 HOH 44 216 24  HOH MO6 A . 
G 3 HOH 45 217 24  HOH MO6 A . 
G 3 HOH 46 218 24  HOH MO6 A . 
H 3 HOH 1  101 101 HOH HOH B . 
H 3 HOH 2  103 103 HOH HOH B . 
H 3 HOH 3  106 106 HOH HOH B . 
H 3 HOH 4  108 108 HOH HOH B . 
H 3 HOH 5  109 109 HOH HOH B . 
H 3 HOH 6  110 110 HOH HOH B . 
H 3 HOH 7  112 112 HOH HOH B . 
H 3 HOH 8  115 115 HOH HOH B . 
H 3 HOH 9  116 116 HOH HOH B . 
H 3 HOH 10 118 118 HOH HOH B . 
H 3 HOH 11 119 119 HOH HOH B . 
H 3 HOH 12 124 124 HOH HOH B . 
H 3 HOH 13 129 129 HOH HOH B . 
H 3 HOH 14 132 132 HOH HOH B . 
H 3 HOH 15 133 133 HOH HOH B . 
H 3 HOH 16 134 134 HOH HOH B . 
H 3 HOH 17 135 135 HOH HOH B . 
H 3 HOH 18 138 138 HOH HOH B . 
H 3 HOH 19 140 140 HOH HOH B . 
H 3 HOH 20 142 142 HOH HOH B . 
H 3 HOH 21 143 143 HOH HOH B . 
H 3 HOH 22 144 144 HOH HOH B . 
H 3 HOH 23 146 146 HOH HOH B . 
H 3 HOH 24 147 147 HOH HOH B . 
H 3 HOH 25 148 148 HOH HOH B . 
H 3 HOH 26 149 149 HOH HOH B . 
H 3 HOH 27 151 151 HOH HOH B . 
H 3 HOH 28 152 152 HOH HOH B . 
H 3 HOH 29 153 153 HOH HOH B . 
H 3 HOH 30 155 155 HOH HOH B . 
H 3 HOH 31 157 157 HOH HOH B . 
H 3 HOH 32 159 159 HOH HOH B . 
H 3 HOH 33 160 160 HOH HOH B . 
H 3 HOH 34 162 162 HOH HOH B . 
H 3 HOH 35 163 163 HOH HOH B . 
H 3 HOH 36 165 165 HOH HOH B . 
H 3 HOH 37 166 166 HOH HOH B . 
H 3 HOH 38 167 167 HOH HOH B . 
H 3 HOH 39 168 168 HOH HOH B . 
H 3 HOH 40 169 169 HOH HOH B . 
H 3 HOH 41 170 170 HOH HOH B . 
H 3 HOH 42 171 171 HOH HOH B . 
H 3 HOH 43 174 174 HOH HOH B . 
H 3 HOH 44 175 175 HOH HOH B . 
H 3 HOH 45 176 176 HOH HOH B . 
H 3 HOH 46 180 180 HOH HOH B . 
H 3 HOH 47 181 181 HOH HOH B . 
H 3 HOH 48 182 182 HOH HOH B . 
H 3 HOH 49 185 185 HOH HOH B . 
H 3 HOH 50 186 186 HOH HOH B . 
H 3 HOH 51 187 187 HOH HOH B . 
H 3 HOH 52 191 191 HOH HOH B . 
H 3 HOH 53 194 194 HOH HOH B . 
H 3 HOH 54 195 195 HOH HOH B . 
H 3 HOH 55 196 196 HOH HOH B . 
H 3 HOH 56 197 21  HOH MO6 B . 
H 3 HOH 57 198 21  HOH MO6 B . 
H 3 HOH 58 199 21  HOH MO6 B . 
H 3 HOH 59 200 21  HOH MO6 B . 
H 3 HOH 60 201 21  HOH MO6 B . 
H 3 HOH 61 202 21  HOH MO6 B . 
H 3 HOH 62 203 22  HOH MO6 B . 
H 3 HOH 63 204 22  HOH MO6 B . 
H 3 HOH 64 206 22  HOH MO6 B . 
H 3 HOH 65 207 22  HOH MO6 B . 
H 3 HOH 66 208 22  HOH MO6 B . 
H 3 HOH 67 209 23  HOH MO6 B . 
H 3 HOH 68 210 23  HOH MO6 B . 
H 3 HOH 69 211 23  HOH MO6 B . 
H 3 HOH 70 212 23  HOH MO6 B . 
H 3 HOH 71 213 23  HOH MO6 B . 
H 3 HOH 72 214 23  HOH MO6 B . 
H 3 HOH 73 219 24  HOH MO6 B . 
H 3 HOH 74 220 24  HOH MO6 B . 
# 
loop_
_software.name 
_software.classification 
_software.version 
_software.citation_id 
_software.pdbx_ordinal 
d*TREK    'data scaling'   . ? 1 
HKL-2000  'data reduction' . ? 2 
X-PLOR    'model building' . ? 3 
SHELXL-97 refinement       . ? 4 
d*TREK    'data reduction' . ? 5 
HKL-2000  'data scaling'   . ? 6 
X-PLOR    phasing          . ? 7 
# 
_cell.entry_id           1DNO 
_cell.length_a           24.200 
_cell.length_b           42.656 
_cell.length_c           49.315 
_cell.angle_alpha        90.00 
_cell.angle_beta         90.00 
_cell.angle_gamma        90.00 
_cell.Z_PDB              8 
_cell.pdbx_unique_axis   ? 
_cell.length_a_esd       ? 
_cell.length_b_esd       ? 
_cell.length_c_esd       ? 
_cell.angle_alpha_esd    ? 
_cell.angle_beta_esd     ? 
_cell.angle_gamma_esd    ? 
# 
_symmetry.entry_id                         1DNO 
_symmetry.space_group_name_H-M             'P 21 21 21' 
_symmetry.pdbx_full_space_group_name_H-M   ? 
_symmetry.cell_setting                     orthorhombic 
_symmetry.Int_Tables_number                19 
_symmetry.space_group_name_Hall            ? 
# 
_exptl.entry_id          1DNO 
_exptl.method            'X-RAY DIFFRACTION' 
_exptl.crystals_number   1 
# 
_exptl_crystal.id                    1 
_exptl_crystal.density_meas          ? 
_exptl_crystal.density_Matthews      1.87 
_exptl_crystal.density_percent_sol   34.0 
_exptl_crystal.description           ? 
_exptl_crystal.F_000                 ? 
_exptl_crystal.preparation           ? 
# 
_exptl_crystal_grow.crystal_id      1 
_exptl_crystal_grow.method          'VAPOR DIFFUSION, SITTING DROP' 
_exptl_crystal_grow.temp            298 
_exptl_crystal_grow.temp_details    ? 
_exptl_crystal_grow.pH              6.5 
_exptl_crystal_grow.pdbx_details    '2-MPD, CACODYLATE, SPERMINE, MGCL2, pH 6.5, VAPOR DIFFUSION, SITTING DROP, temperature 298K' 
_exptl_crystal_grow.pdbx_pH_range   ? 
# 
loop_
_exptl_crystal_grow_comp.crystal_id 
_exptl_crystal_grow_comp.id 
_exptl_crystal_grow_comp.sol_id 
_exptl_crystal_grow_comp.name 
_exptl_crystal_grow_comp.volume 
_exptl_crystal_grow_comp.conc 
_exptl_crystal_grow_comp.details 
1 1 1 CACODYLATE ? ? ? 
1 2 1 SPERMINE   ? ? ? 
1 3 1 MGCL2      ? ? ? 
1 4 1 MPD        ? ? ? 
1 5 2 MPD        ? ? ? 
# 
_diffrn.id                     1 
_diffrn.ambient_temp           110 
_diffrn.ambient_temp_details   ? 
_diffrn.crystal_id             1 
# 
_diffrn_detector.diffrn_id              1 
_diffrn_detector.detector               CCD 
_diffrn_detector.type                   CUSTOM-MADE 
_diffrn_detector.pdbx_collection_date   1999-11-16 
_diffrn_detector.details                ? 
# 
_diffrn_radiation.diffrn_id                        1 
_diffrn_radiation.wavelength_id                    1 
_diffrn_radiation.pdbx_monochromatic_or_laue_m_l   M 
_diffrn_radiation.monochromator                    ? 
_diffrn_radiation.pdbx_diffrn_protocol             'SINGLE WAVELENGTH' 
_diffrn_radiation.pdbx_scattering_type             x-ray 
# 
_diffrn_radiation_wavelength.id           1 
_diffrn_radiation_wavelength.wavelength   1.03321 
_diffrn_radiation_wavelength.wt           1.0 
# 
_diffrn_source.diffrn_id                   1 
_diffrn_source.source                      SYNCHROTRON 
_diffrn_source.type                        'APS BEAMLINE 19-ID' 
_diffrn_source.pdbx_synchrotron_site       APS 
_diffrn_source.pdbx_synchrotron_beamline   19-ID 
_diffrn_source.pdbx_wavelength             1.03321 
_diffrn_source.pdbx_wavelength_list        ? 
# 
_reflns.entry_id                     1DNO 
_reflns.observed_criterion_sigma_I   0.0 
_reflns.observed_criterion_sigma_F   0.0 
_reflns.d_resolution_low             20.0 
_reflns.d_resolution_high            1.40 
_reflns.number_obs                   10433 
_reflns.number_all                   10433 
_reflns.percent_possible_obs         98.7 
_reflns.pdbx_Rmerge_I_obs            0.067 
_reflns.pdbx_Rsym_value              ? 
_reflns.pdbx_netI_over_sigmaI        37.3 
_reflns.B_iso_Wilson_estimate        22.2 
_reflns.pdbx_redundancy              11.7 
_reflns.R_free_details               ? 
_reflns.pdbx_chi_squared             ? 
_reflns.pdbx_scaling_rejects         ? 
_reflns.pdbx_diffrn_id               1 
_reflns.pdbx_ordinal                 1 
# 
_reflns_shell.d_res_high             1.40 
_reflns_shell.d_res_low              1.45 
_reflns_shell.percent_possible_all   91.7 
_reflns_shell.Rmerge_I_obs           0.092 
_reflns_shell.pdbx_Rsym_value        ? 
_reflns_shell.meanI_over_sigI_obs    23.8 
_reflns_shell.pdbx_redundancy        11.0 
_reflns_shell.percent_possible_obs   ? 
_reflns_shell.number_unique_all      ? 
_reflns_shell.number_measured_all    ? 
_reflns_shell.number_measured_obs    ? 
_reflns_shell.number_unique_obs      ? 
_reflns_shell.pdbx_chi_squared       ? 
_reflns_shell.pdbx_diffrn_id         ? 
_reflns_shell.pdbx_ordinal           1 
# 
_refine.entry_id                                 1DNO 
_refine.ls_number_reflns_obs                     10433 
_refine.ls_number_reflns_all                     10433 
_refine.pdbx_ls_sigma_I                          0.0 
_refine.pdbx_ls_sigma_F                          0.0 
_refine.pdbx_data_cutoff_high_absF               ? 
_refine.pdbx_data_cutoff_low_absF                ? 
_refine.pdbx_data_cutoff_high_rms_absF           ? 
_refine.ls_d_res_low                             20.0 
_refine.ls_d_res_high                            1.40 
_refine.ls_percent_reflns_obs                    98.7 
_refine.ls_R_factor_obs                          0.193 
_refine.ls_R_factor_all                          0.195 
_refine.ls_R_factor_R_work                       0.193 
_refine.ls_R_factor_R_free                       0.242 
_refine.ls_R_factor_R_free_error                 ? 
_refine.ls_R_factor_R_free_error_details         ? 
_refine.ls_percent_reflns_R_free                 5 
_refine.ls_number_reflns_R_free                  519 
_refine.ls_number_parameters                     2139 
_refine.ls_number_restraints                     1830 
_refine.occupancy_min                            ? 
_refine.occupancy_max                            ? 
_refine.B_iso_mean                               ? 
_refine.aniso_B[1][1]                            ? 
_refine.aniso_B[2][2]                            ? 
_refine.aniso_B[3][3]                            ? 
_refine.aniso_B[1][2]                            ? 
_refine.aniso_B[1][3]                            ? 
_refine.aniso_B[2][3]                            ? 
_refine.solvent_model_details                    'SHELXL SWAT OPTION' 
_refine.solvent_model_param_ksol                 ? 
_refine.solvent_model_param_bsol                 ? 
_refine.pdbx_ls_cross_valid_method               'A POSTERIORI' 
_refine.details                                  ? 
_refine.pdbx_starting_model                      'NDB ID ADJ043' 
_refine.pdbx_method_to_determine_struct          'MOLECULAR REPLACEMENT' 
_refine.pdbx_isotropic_thermal_model             ? 
_refine.pdbx_stereochemistry_target_values       'G.PARKINSON ET AL.' 
_refine.pdbx_stereochem_target_val_spec_case     ? 
_refine.pdbx_R_Free_selection_details            RANDOM 
_refine.pdbx_overall_ESU_R                       ? 
_refine.pdbx_overall_ESU_R_Free                  ? 
_refine.overall_SU_ML                            ? 
_refine.overall_SU_B                             ? 
_refine.pdbx_refine_id                           'X-RAY DIFFRACTION' 
_refine.ls_redundancy_reflns_obs                 ? 
_refine.pdbx_overall_phase_error                 ? 
_refine.correlation_coeff_Fo_to_Fc               ? 
_refine.correlation_coeff_Fo_to_Fc_free          ? 
_refine.pdbx_solvent_vdw_probe_radii             ? 
_refine.pdbx_solvent_ion_probe_radii             ? 
_refine.pdbx_solvent_shrinkage_radii             ? 
_refine.overall_SU_R_Cruickshank_DPI             ? 
_refine.overall_SU_R_free                        ? 
_refine.ls_wR_factor_R_free                      ? 
_refine.ls_wR_factor_R_work                      ? 
_refine.overall_FOM_free_R_set                   ? 
_refine.overall_FOM_work_R_set                   ? 
_refine.pdbx_diffrn_id                           1 
_refine.pdbx_TLS_residual_ADP_flag               ? 
_refine.pdbx_overall_SU_R_free_Cruickshank_DPI   ? 
_refine.pdbx_overall_SU_R_Blow_DPI               ? 
_refine.pdbx_overall_SU_R_free_Blow_DPI          ? 
# 
_refine_analyze.entry_id                        1DNO 
_refine_analyze.Luzzati_coordinate_error_obs    ? 
_refine_analyze.Luzzati_sigma_a_obs             ? 
_refine_analyze.Luzzati_d_res_low_obs           ? 
_refine_analyze.Luzzati_coordinate_error_free   ? 
_refine_analyze.Luzzati_sigma_a_free            ? 
_refine_analyze.Luzzati_d_res_low_free          ? 
_refine_analyze.number_disordered_residues      0 
_refine_analyze.occupancy_sum_hydrogen          0 
_refine_analyze.occupancy_sum_non_hydrogen      534 
_refine_analyze.pdbx_refine_id                  'X-RAY DIFFRACTION' 
# 
_refine_hist.pdbx_refine_id                   'X-RAY DIFFRACTION' 
_refine_hist.cycle_id                         LAST 
_refine_hist.pdbx_number_atoms_protein        0 
_refine_hist.pdbx_number_atoms_nucleic_acid   410 
_refine_hist.pdbx_number_atoms_ligand         28 
_refine_hist.number_atoms_solvent             96 
_refine_hist.number_atoms_total               534 
_refine_hist.d_res_high                       1.40 
_refine_hist.d_res_low                        20.0 
# 
loop_
_refine_ls_restr.type 
_refine_ls_restr.dev_ideal 
_refine_ls_restr.dev_ideal_target 
_refine_ls_restr.weight 
_refine_ls_restr.number 
_refine_ls_restr.pdbx_refine_id 
_refine_ls_restr.pdbx_restraint_function 
s_bond_d               0.011 ? ? ? 'X-RAY DIFFRACTION' ? 
s_angle_d              0.027 ? ? ? 'X-RAY DIFFRACTION' ? 
s_similar_dist         ?     ? ? ? 'X-RAY DIFFRACTION' ? 
s_from_restr_planes    0.070 ? ? ? 'X-RAY DIFFRACTION' ? 
s_zero_chiral_vol      ?     ? ? ? 'X-RAY DIFFRACTION' ? 
s_non_zero_chiral_vol  ?     ? ? ? 'X-RAY DIFFRACTION' ? 
s_anti_bump_dis_restr  0.006 ? ? ? 'X-RAY DIFFRACTION' ? 
s_rigid_bond_adp_cmpnt ?     ? ? ? 'X-RAY DIFFRACTION' ? 
s_similar_adp_cmpnt    0.032 ? ? ? 'X-RAY DIFFRACTION' ? 
s_approx_iso_adps      ?     ? ? ? 'X-RAY DIFFRACTION' ? 
# 
_pdbx_refine.entry_id                                    1DNO 
_pdbx_refine.R_factor_all_no_cutoff                      ? 
_pdbx_refine.R_factor_obs_no_cutoff                      ? 
_pdbx_refine.free_R_factor_no_cutoff                     ? 
_pdbx_refine.free_R_val_test_set_size_perc_no_cutoff     ? 
_pdbx_refine.free_R_val_test_set_ct_no_cutoff            ? 
_pdbx_refine.R_factor_all_4sig_cutoff                    0.193 
_pdbx_refine.R_factor_obs_4sig_cutoff                    0.191 
_pdbx_refine.free_R_factor_4sig_cutoff                   0.239 
_pdbx_refine.free_R_val_test_set_size_perc_4sig_cutoff   5 
_pdbx_refine.free_R_val_test_set_ct_4sig_cutoff          507 
_pdbx_refine.number_reflns_obs_4sig_cutoff               10217 
_pdbx_refine.pdbx_refine_id                              'X-RAY DIFFRACTION' 
_pdbx_refine.free_R_error_no_cutoff                      ? 
# 
_struct.entry_id                  1DNO 
_struct.title                     'A-DNA/RNA DODECAMER R(GCG)D(TATACGC) MG BINDING SITES' 
_struct.pdbx_model_details        ? 
_struct.pdbx_CASP_flag            ? 
_struct.pdbx_model_type_details   ? 
# 
_struct_keywords.entry_id        1DNO 
_struct_keywords.pdbx_keywords   'DNA-RNA HYBRID' 
_struct_keywords.text            
'DNA CONFORMATION, RNA/DNA HYBRID, METAL IONS, DNA-RNA COMPLEX, DNA-RNA HYBRID COMPLEX, DNA-RNA HYBRID' 
# 
loop_
_struct_asym.id 
_struct_asym.pdbx_blank_PDB_chainid_flag 
_struct_asym.pdbx_modified 
_struct_asym.entity_id 
_struct_asym.details 
A N N 1 ? 
B N N 1 ? 
C N N 2 ? 
D N N 2 ? 
E N N 2 ? 
F N N 2 ? 
G N N 3 ? 
H N N 3 ? 
# 
_struct_ref.id                         1 
_struct_ref.entity_id                  1 
_struct_ref.db_name                    PDB 
_struct_ref.db_code                    1DNO 
_struct_ref.pdbx_db_accession          1DNO 
_struct_ref.pdbx_align_begin           ? 
_struct_ref.pdbx_seq_one_letter_code   ? 
_struct_ref.pdbx_db_isoform            ? 
# 
loop_
_struct_ref_seq.align_id 
_struct_ref_seq.ref_id 
_struct_ref_seq.pdbx_PDB_id_code 
_struct_ref_seq.pdbx_strand_id 
_struct_ref_seq.seq_align_beg 
_struct_ref_seq.pdbx_seq_align_beg_ins_code 
_struct_ref_seq.seq_align_end 
_struct_ref_seq.pdbx_seq_align_end_ins_code 
_struct_ref_seq.pdbx_db_accession 
_struct_ref_seq.db_align_beg 
_struct_ref_seq.pdbx_db_align_beg_ins_code 
_struct_ref_seq.db_align_end 
_struct_ref_seq.pdbx_db_align_end_ins_code 
_struct_ref_seq.pdbx_auth_seq_align_beg 
_struct_ref_seq.pdbx_auth_seq_align_end 
1 1 1DNO A 1 ? 10 ? 1DNO 1  ? 10 ? 1  10 
2 1 1DNO B 1 ? 10 ? 1DNO 11 ? 20 ? 11 20 
# 
_pdbx_struct_assembly.id                   1 
_pdbx_struct_assembly.details              author_defined_assembly 
_pdbx_struct_assembly.method_details       ? 
_pdbx_struct_assembly.oligomeric_details   dimeric 
_pdbx_struct_assembly.oligomeric_count     2 
# 
_pdbx_struct_assembly_gen.assembly_id       1 
_pdbx_struct_assembly_gen.oper_expression   1 
_pdbx_struct_assembly_gen.asym_id_list      A,B,C,D,E,F,G,H 
# 
_pdbx_struct_oper_list.id                   1 
_pdbx_struct_oper_list.type                 'identity operation' 
_pdbx_struct_oper_list.name                 1_555 
_pdbx_struct_oper_list.symmetry_operation   x,y,z 
_pdbx_struct_oper_list.matrix[1][1]         1.0000000000 
_pdbx_struct_oper_list.matrix[1][2]         0.0000000000 
_pdbx_struct_oper_list.matrix[1][3]         0.0000000000 
_pdbx_struct_oper_list.vector[1]            0.0000000000 
_pdbx_struct_oper_list.matrix[2][1]         0.0000000000 
_pdbx_struct_oper_list.matrix[2][2]         1.0000000000 
_pdbx_struct_oper_list.matrix[2][3]         0.0000000000 
_pdbx_struct_oper_list.vector[2]            0.0000000000 
_pdbx_struct_oper_list.matrix[3][1]         0.0000000000 
_pdbx_struct_oper_list.matrix[3][2]         0.0000000000 
_pdbx_struct_oper_list.matrix[3][3]         1.0000000000 
_pdbx_struct_oper_list.vector[3]            0.0000000000 
# 
_struct_biol.id        1 
_struct_biol.details   ? 
# 
loop_
_struct_conn.id 
_struct_conn.conn_type_id 
_struct_conn.pdbx_leaving_atom_flag 
_struct_conn.pdbx_PDB_id 
_struct_conn.ptnr1_label_asym_id 
_struct_conn.ptnr1_label_comp_id 
_struct_conn.ptnr1_label_seq_id 
_struct_conn.ptnr1_label_atom_id 
_struct_conn.pdbx_ptnr1_label_alt_id 
_struct_conn.pdbx_ptnr1_PDB_ins_code 
_struct_conn.pdbx_ptnr1_standard_comp_id 
_struct_conn.ptnr1_symmetry 
_struct_conn.ptnr2_label_asym_id 
_struct_conn.ptnr2_label_comp_id 
_struct_conn.ptnr2_label_seq_id 
_struct_conn.ptnr2_label_atom_id 
_struct_conn.pdbx_ptnr2_label_alt_id 
_struct_conn.pdbx_ptnr2_PDB_ins_code 
_struct_conn.ptnr1_auth_asym_id 
_struct_conn.ptnr1_auth_comp_id 
_struct_conn.ptnr1_auth_seq_id 
_struct_conn.ptnr2_auth_asym_id 
_struct_conn.ptnr2_auth_comp_id 
_struct_conn.ptnr2_auth_seq_id 
_struct_conn.ptnr2_symmetry 
_struct_conn.pdbx_ptnr3_label_atom_id 
_struct_conn.pdbx_ptnr3_label_seq_id 
_struct_conn.pdbx_ptnr3_label_comp_id 
_struct_conn.pdbx_ptnr3_label_asym_id 
_struct_conn.pdbx_ptnr3_label_alt_id 
_struct_conn.pdbx_ptnr3_PDB_ins_code 
_struct_conn.details 
_struct_conn.pdbx_dist_value 
_struct_conn.pdbx_value_order 
_struct_conn.pdbx_role 
metalc1  metalc ? ? C MG  .  MG ? ? ? 1_555 G HOH .  O  ? ? A MG  24  A HOH 215 1_555 ? ? ? ? ? ? ?            2.045 ? ? 
metalc2  metalc ? ? C MG  .  MG ? ? ? 1_555 G HOH .  O  ? ? A MG  24  A HOH 216 1_555 ? ? ? ? ? ? ?            2.050 ? ? 
metalc3  metalc ? ? C MG  .  MG ? ? ? 1_555 G HOH .  O  ? ? A MG  24  A HOH 217 1_555 ? ? ? ? ? ? ?            2.051 ? ? 
metalc4  metalc ? ? C MG  .  MG ? ? ? 1_555 G HOH .  O  ? ? A MG  24  A HOH 218 1_555 ? ? ? ? ? ? ?            2.065 ? ? 
metalc5  metalc ? ? C MG  .  MG ? ? ? 1_555 H HOH .  O  ? ? A MG  24  B HOH 219 1_555 ? ? ? ? ? ? ?            2.060 ? ? 
metalc6  metalc ? ? C MG  .  MG ? ? ? 1_555 H HOH .  O  ? ? A MG  24  B HOH 220 1_555 ? ? ? ? ? ? ?            2.081 ? ? 
metalc7  metalc ? ? G HOH .  O  ? ? ? 1_555 E MG  .  MG ? ? A HOH 205 B MG  22  1_555 ? ? ? ? ? ? ?            2.059 ? ? 
metalc8  metalc ? ? D MG  .  MG ? ? ? 1_555 H HOH .  O  ? ? B MG  21  B HOH 197 1_555 ? ? ? ? ? ? ?            2.067 ? ? 
metalc9  metalc ? ? D MG  .  MG ? ? ? 1_555 H HOH .  O  ? ? B MG  21  B HOH 198 1_555 ? ? ? ? ? ? ?            2.060 ? ? 
metalc10 metalc ? ? D MG  .  MG ? ? ? 1_555 H HOH .  O  ? ? B MG  21  B HOH 199 1_555 ? ? ? ? ? ? ?            2.072 ? ? 
metalc11 metalc ? ? D MG  .  MG ? ? ? 1_555 H HOH .  O  ? ? B MG  21  B HOH 200 1_555 ? ? ? ? ? ? ?            2.059 ? ? 
metalc12 metalc ? ? D MG  .  MG ? ? ? 1_555 H HOH .  O  ? ? B MG  21  B HOH 201 1_555 ? ? ? ? ? ? ?            2.061 ? ? 
metalc13 metalc ? ? D MG  .  MG ? ? ? 1_555 H HOH .  O  ? ? B MG  21  B HOH 202 1_555 ? ? ? ? ? ? ?            2.059 ? ? 
metalc14 metalc ? ? E MG  .  MG ? ? ? 1_555 H HOH .  O  ? ? B MG  22  B HOH 203 1_555 ? ? ? ? ? ? ?            2.053 ? ? 
metalc15 metalc ? ? E MG  .  MG ? ? ? 1_555 H HOH .  O  ? ? B MG  22  B HOH 204 1_555 ? ? ? ? ? ? ?            2.059 ? ? 
metalc16 metalc ? ? E MG  .  MG ? ? ? 1_555 H HOH .  O  ? ? B MG  22  B HOH 206 1_555 ? ? ? ? ? ? ?            2.059 ? ? 
metalc17 metalc ? ? E MG  .  MG ? ? ? 1_555 H HOH .  O  ? ? B MG  22  B HOH 207 1_555 ? ? ? ? ? ? ?            2.067 ? ? 
metalc18 metalc ? ? E MG  .  MG ? ? ? 1_555 H HOH .  O  ? ? B MG  22  B HOH 208 1_555 ? ? ? ? ? ? ?            2.053 ? ? 
metalc19 metalc ? ? F MG  .  MG ? ? ? 1_555 H HOH .  O  ? ? B MG  23  B HOH 209 1_555 ? ? ? ? ? ? ?            2.066 ? ? 
metalc20 metalc ? ? F MG  .  MG ? ? ? 1_555 H HOH .  O  ? ? B MG  23  B HOH 210 1_555 ? ? ? ? ? ? ?            2.057 ? ? 
metalc21 metalc ? ? F MG  .  MG ? ? ? 1_555 H HOH .  O  ? ? B MG  23  B HOH 211 1_555 ? ? ? ? ? ? ?            2.072 ? ? 
metalc22 metalc ? ? F MG  .  MG ? ? ? 1_555 H HOH .  O  ? ? B MG  23  B HOH 212 1_555 ? ? ? ? ? ? ?            2.058 ? ? 
metalc23 metalc ? ? F MG  .  MG ? ? ? 1_555 H HOH .  O  ? ? B MG  23  B HOH 213 1_555 ? ? ? ? ? ? ?            2.048 ? ? 
metalc24 metalc ? ? F MG  .  MG ? ? ? 1_555 H HOH .  O  ? ? B MG  23  B HOH 214 1_555 ? ? ? ? ? ? ?            2.050 ? ? 
hydrog1  hydrog ? ? A G   1  N1 ? ? ? 1_555 B DC  10 N3 ? ? A G   1   B DC  20  1_555 ? ? ? ? ? ? WATSON-CRICK ?     ? ? 
hydrog2  hydrog ? ? A G   1  N2 ? ? ? 1_555 B DC  10 O2 ? ? A G   1   B DC  20  1_555 ? ? ? ? ? ? WATSON-CRICK ?     ? ? 
hydrog3  hydrog ? ? A G   1  O6 ? ? ? 1_555 B DC  10 N4 ? ? A G   1   B DC  20  1_555 ? ? ? ? ? ? WATSON-CRICK ?     ? ? 
hydrog4  hydrog ? ? A C   2  N3 ? ? ? 1_555 B DG  9  N1 ? ? A C   2   B DG  19  1_555 ? ? ? ? ? ? WATSON-CRICK ?     ? ? 
hydrog5  hydrog ? ? A C   2  N4 ? ? ? 1_555 B DG  9  O6 ? ? A C   2   B DG  19  1_555 ? ? ? ? ? ? WATSON-CRICK ?     ? ? 
hydrog6  hydrog ? ? A C   2  O2 ? ? ? 1_555 B DG  9  N2 ? ? A C   2   B DG  19  1_555 ? ? ? ? ? ? WATSON-CRICK ?     ? ? 
hydrog7  hydrog ? ? A G   3  N1 ? ? ? 1_555 B DC  8  N3 ? ? A G   3   B DC  18  1_555 ? ? ? ? ? ? WATSON-CRICK ?     ? ? 
hydrog8  hydrog ? ? A G   3  N2 ? ? ? 1_555 B DC  8  O2 ? ? A G   3   B DC  18  1_555 ? ? ? ? ? ? WATSON-CRICK ?     ? ? 
hydrog9  hydrog ? ? A G   3  O6 ? ? ? 1_555 B DC  8  N4 ? ? A G   3   B DC  18  1_555 ? ? ? ? ? ? WATSON-CRICK ?     ? ? 
hydrog10 hydrog ? ? A DT  4  N3 ? ? ? 1_555 B DA  7  N1 ? ? A DT  4   B DA  17  1_555 ? ? ? ? ? ? WATSON-CRICK ?     ? ? 
hydrog11 hydrog ? ? A DT  4  O4 ? ? ? 1_555 B DA  7  N6 ? ? A DT  4   B DA  17  1_555 ? ? ? ? ? ? WATSON-CRICK ?     ? ? 
hydrog12 hydrog ? ? A DA  5  N1 ? ? ? 1_555 B DT  6  N3 ? ? A DA  5   B DT  16  1_555 ? ? ? ? ? ? WATSON-CRICK ?     ? ? 
hydrog13 hydrog ? ? A DA  5  N6 ? ? ? 1_555 B DT  6  O4 ? ? A DA  5   B DT  16  1_555 ? ? ? ? ? ? WATSON-CRICK ?     ? ? 
hydrog14 hydrog ? ? A DT  6  N3 ? ? ? 1_555 B DA  5  N1 ? ? A DT  6   B DA  15  1_555 ? ? ? ? ? ? WATSON-CRICK ?     ? ? 
hydrog15 hydrog ? ? A DT  6  O4 ? ? ? 1_555 B DA  5  N6 ? ? A DT  6   B DA  15  1_555 ? ? ? ? ? ? WATSON-CRICK ?     ? ? 
hydrog16 hydrog ? ? A DA  7  N1 ? ? ? 1_555 B DT  4  N3 ? ? A DA  7   B DT  14  1_555 ? ? ? ? ? ? WATSON-CRICK ?     ? ? 
hydrog17 hydrog ? ? A DA  7  N6 ? ? ? 1_555 B DT  4  O4 ? ? A DA  7   B DT  14  1_555 ? ? ? ? ? ? WATSON-CRICK ?     ? ? 
hydrog18 hydrog ? ? A DC  8  N3 ? ? ? 1_555 B G   3  N1 ? ? A DC  8   B G   13  1_555 ? ? ? ? ? ? WATSON-CRICK ?     ? ? 
hydrog19 hydrog ? ? A DC  8  N4 ? ? ? 1_555 B G   3  O6 ? ? A DC  8   B G   13  1_555 ? ? ? ? ? ? WATSON-CRICK ?     ? ? 
hydrog20 hydrog ? ? A DC  8  O2 ? ? ? 1_555 B G   3  N2 ? ? A DC  8   B G   13  1_555 ? ? ? ? ? ? WATSON-CRICK ?     ? ? 
hydrog21 hydrog ? ? A DG  9  N1 ? ? ? 1_555 B C   2  N3 ? ? A DG  9   B C   12  1_555 ? ? ? ? ? ? WATSON-CRICK ?     ? ? 
hydrog22 hydrog ? ? A DG  9  N2 ? ? ? 1_555 B C   2  O2 ? ? A DG  9   B C   12  1_555 ? ? ? ? ? ? WATSON-CRICK ?     ? ? 
hydrog23 hydrog ? ? A DG  9  O6 ? ? ? 1_555 B C   2  N4 ? ? A DG  9   B C   12  1_555 ? ? ? ? ? ? WATSON-CRICK ?     ? ? 
hydrog24 hydrog ? ? A DC  10 N3 ? ? ? 1_555 B G   1  N1 ? ? A DC  10  B G   11  1_555 ? ? ? ? ? ? WATSON-CRICK ?     ? ? 
hydrog25 hydrog ? ? A DC  10 N4 ? ? ? 1_555 B G   1  O6 ? ? A DC  10  B G   11  1_555 ? ? ? ? ? ? WATSON-CRICK ?     ? ? 
hydrog26 hydrog ? ? A DC  10 O2 ? ? ? 1_555 B G   1  N2 ? ? A DC  10  B G   11  1_555 ? ? ? ? ? ? WATSON-CRICK ?     ? ? 
# 
loop_
_struct_conn_type.id 
_struct_conn_type.criteria 
_struct_conn_type.reference 
metalc ? ? 
hydrog ? ? 
# 
loop_
_pdbx_struct_conn_angle.id 
_pdbx_struct_conn_angle.ptnr1_label_atom_id 
_pdbx_struct_conn_angle.ptnr1_label_alt_id 
_pdbx_struct_conn_angle.ptnr1_label_asym_id 
_pdbx_struct_conn_angle.ptnr1_label_comp_id 
_pdbx_struct_conn_angle.ptnr1_label_seq_id 
_pdbx_struct_conn_angle.ptnr1_auth_atom_id 
_pdbx_struct_conn_angle.ptnr1_auth_asym_id 
_pdbx_struct_conn_angle.ptnr1_auth_comp_id 
_pdbx_struct_conn_angle.ptnr1_auth_seq_id 
_pdbx_struct_conn_angle.ptnr1_PDB_ins_code 
_pdbx_struct_conn_angle.ptnr1_symmetry 
_pdbx_struct_conn_angle.ptnr2_label_atom_id 
_pdbx_struct_conn_angle.ptnr2_label_alt_id 
_pdbx_struct_conn_angle.ptnr2_label_asym_id 
_pdbx_struct_conn_angle.ptnr2_label_comp_id 
_pdbx_struct_conn_angle.ptnr2_label_seq_id 
_pdbx_struct_conn_angle.ptnr2_auth_atom_id 
_pdbx_struct_conn_angle.ptnr2_auth_asym_id 
_pdbx_struct_conn_angle.ptnr2_auth_comp_id 
_pdbx_struct_conn_angle.ptnr2_auth_seq_id 
_pdbx_struct_conn_angle.ptnr2_PDB_ins_code 
_pdbx_struct_conn_angle.ptnr2_symmetry 
_pdbx_struct_conn_angle.ptnr3_label_atom_id 
_pdbx_struct_conn_angle.ptnr3_label_alt_id 
_pdbx_struct_conn_angle.ptnr3_label_asym_id 
_pdbx_struct_conn_angle.ptnr3_label_comp_id 
_pdbx_struct_conn_angle.ptnr3_label_seq_id 
_pdbx_struct_conn_angle.ptnr3_auth_atom_id 
_pdbx_struct_conn_angle.ptnr3_auth_asym_id 
_pdbx_struct_conn_angle.ptnr3_auth_comp_id 
_pdbx_struct_conn_angle.ptnr3_auth_seq_id 
_pdbx_struct_conn_angle.ptnr3_PDB_ins_code 
_pdbx_struct_conn_angle.ptnr3_symmetry 
_pdbx_struct_conn_angle.value 
_pdbx_struct_conn_angle.value_esd 
1  O ? G HOH . ? A HOH 215 ? 1_555 MG ? C MG . ? A MG 24 ? 1_555 O ? G HOH . ? A HOH 216 ? 1_555 178.0 ? 
2  O ? G HOH . ? A HOH 215 ? 1_555 MG ? C MG . ? A MG 24 ? 1_555 O ? G HOH . ? A HOH 217 ? 1_555 89.7  ? 
3  O ? G HOH . ? A HOH 216 ? 1_555 MG ? C MG . ? A MG 24 ? 1_555 O ? G HOH . ? A HOH 217 ? 1_555 91.4  ? 
4  O ? G HOH . ? A HOH 215 ? 1_555 MG ? C MG . ? A MG 24 ? 1_555 O ? G HOH . ? A HOH 218 ? 1_555 88.8  ? 
5  O ? G HOH . ? A HOH 216 ? 1_555 MG ? C MG . ? A MG 24 ? 1_555 O ? G HOH . ? A HOH 218 ? 1_555 89.4  ? 
6  O ? G HOH . ? A HOH 217 ? 1_555 MG ? C MG . ? A MG 24 ? 1_555 O ? G HOH . ? A HOH 218 ? 1_555 90.7  ? 
7  O ? G HOH . ? A HOH 215 ? 1_555 MG ? C MG . ? A MG 24 ? 1_555 O ? H HOH . ? B HOH 219 ? 1_555 91.2  ? 
8  O ? G HOH . ? A HOH 216 ? 1_555 MG ? C MG . ? A MG 24 ? 1_555 O ? H HOH . ? B HOH 219 ? 1_555 87.8  ? 
9  O ? G HOH . ? A HOH 217 ? 1_555 MG ? C MG . ? A MG 24 ? 1_555 O ? H HOH . ? B HOH 219 ? 1_555 177.8 ? 
10 O ? G HOH . ? A HOH 218 ? 1_555 MG ? C MG . ? A MG 24 ? 1_555 O ? H HOH . ? B HOH 219 ? 1_555 91.3  ? 
11 O ? G HOH . ? A HOH 215 ? 1_555 MG ? C MG . ? A MG 24 ? 1_555 O ? H HOH . ? B HOH 220 ? 1_555 93.0  ? 
12 O ? G HOH . ? A HOH 216 ? 1_555 MG ? C MG . ? A MG 24 ? 1_555 O ? H HOH . ? B HOH 220 ? 1_555 88.8  ? 
13 O ? G HOH . ? A HOH 217 ? 1_555 MG ? C MG . ? A MG 24 ? 1_555 O ? H HOH . ? B HOH 220 ? 1_555 86.8  ? 
14 O ? G HOH . ? A HOH 218 ? 1_555 MG ? C MG . ? A MG 24 ? 1_555 O ? H HOH . ? B HOH 220 ? 1_555 176.8 ? 
15 O ? H HOH . ? B HOH 219 ? 1_555 MG ? C MG . ? A MG 24 ? 1_555 O ? H HOH . ? B HOH 220 ? 1_555 91.2  ? 
16 O ? G HOH . ? A HOH 205 ? 1_555 MG ? E MG . ? B MG 22 ? 1_555 O ? H HOH . ? B HOH 203 ? 1_555 91.4  ? 
17 O ? G HOH . ? A HOH 205 ? 1_555 MG ? E MG . ? B MG 22 ? 1_555 O ? H HOH . ? B HOH 204 ? 1_555 89.2  ? 
18 O ? H HOH . ? B HOH 203 ? 1_555 MG ? E MG . ? B MG 22 ? 1_555 O ? H HOH . ? B HOH 204 ? 1_555 176.8 ? 
19 O ? G HOH . ? A HOH 205 ? 1_555 MG ? E MG . ? B MG 22 ? 1_555 O ? H HOH . ? B HOH 206 ? 1_555 90.0  ? 
20 O ? H HOH . ? B HOH 203 ? 1_555 MG ? E MG . ? B MG 22 ? 1_555 O ? H HOH . ? B HOH 206 ? 1_555 88.1  ? 
21 O ? H HOH . ? B HOH 204 ? 1_555 MG ? E MG . ? B MG 22 ? 1_555 O ? H HOH . ? B HOH 206 ? 1_555 88.7  ? 
22 O ? G HOH . ? A HOH 205 ? 1_555 MG ? E MG . ? B MG 22 ? 1_555 O ? H HOH . ? B HOH 207 ? 1_555 176.6 ? 
23 O ? H HOH . ? B HOH 203 ? 1_555 MG ? E MG . ? B MG 22 ? 1_555 O ? H HOH . ? B HOH 207 ? 1_555 91.3  ? 
24 O ? H HOH . ? B HOH 204 ? 1_555 MG ? E MG . ? B MG 22 ? 1_555 O ? H HOH . ? B HOH 207 ? 1_555 88.2  ? 
25 O ? H HOH . ? B HOH 206 ? 1_555 MG ? E MG . ? B MG 22 ? 1_555 O ? H HOH . ? B HOH 207 ? 1_555 92.1  ? 
26 O ? G HOH . ? A HOH 205 ? 1_555 MG ? E MG . ? B MG 22 ? 1_555 O ? H HOH . ? B HOH 208 ? 1_555 89.8  ? 
27 O ? H HOH . ? B HOH 203 ? 1_555 MG ? E MG . ? B MG 22 ? 1_555 O ? H HOH . ? B HOH 208 ? 1_555 89.9  ? 
28 O ? H HOH . ? B HOH 204 ? 1_555 MG ? E MG . ? B MG 22 ? 1_555 O ? H HOH . ? B HOH 208 ? 1_555 93.2  ? 
29 O ? H HOH . ? B HOH 206 ? 1_555 MG ? E MG . ? B MG 22 ? 1_555 O ? H HOH . ? B HOH 208 ? 1_555 178.0 ? 
30 O ? H HOH . ? B HOH 207 ? 1_555 MG ? E MG . ? B MG 22 ? 1_555 O ? H HOH . ? B HOH 208 ? 1_555 88.2  ? 
31 O ? H HOH . ? B HOH 197 ? 1_555 MG ? D MG . ? B MG 21 ? 1_555 O ? H HOH . ? B HOH 198 ? 1_555 178.7 ? 
32 O ? H HOH . ? B HOH 197 ? 1_555 MG ? D MG . ? B MG 21 ? 1_555 O ? H HOH . ? B HOH 199 ? 1_555 88.4  ? 
33 O ? H HOH . ? B HOH 198 ? 1_555 MG ? D MG . ? B MG 21 ? 1_555 O ? H HOH . ? B HOH 199 ? 1_555 92.6  ? 
34 O ? H HOH . ? B HOH 197 ? 1_555 MG ? D MG . ? B MG 21 ? 1_555 O ? H HOH . ? B HOH 200 ? 1_555 90.0  ? 
35 O ? H HOH . ? B HOH 198 ? 1_555 MG ? D MG . ? B MG 21 ? 1_555 O ? H HOH . ? B HOH 200 ? 1_555 89.2  ? 
36 O ? H HOH . ? B HOH 199 ? 1_555 MG ? D MG . ? B MG 21 ? 1_555 O ? H HOH . ? B HOH 200 ? 1_555 90.1  ? 
37 O ? H HOH . ? B HOH 197 ? 1_555 MG ? D MG . ? B MG 21 ? 1_555 O ? H HOH . ? B HOH 201 ? 1_555 88.7  ? 
38 O ? H HOH . ? B HOH 198 ? 1_555 MG ? D MG . ? B MG 21 ? 1_555 O ? H HOH . ? B HOH 201 ? 1_555 90.3  ? 
39 O ? H HOH . ? B HOH 199 ? 1_555 MG ? D MG . ? B MG 21 ? 1_555 O ? H HOH . ? B HOH 201 ? 1_555 176.9 ? 
40 O ? H HOH . ? B HOH 200 ? 1_555 MG ? D MG . ? B MG 21 ? 1_555 O ? H HOH . ? B HOH 201 ? 1_555 90.9  ? 
41 O ? H HOH . ? B HOH 197 ? 1_555 MG ? D MG . ? B MG 21 ? 1_555 O ? H HOH . ? B HOH 202 ? 1_555 89.3  ? 
42 O ? H HOH . ? B HOH 198 ? 1_555 MG ? D MG . ? B MG 21 ? 1_555 O ? H HOH . ? B HOH 202 ? 1_555 91.4  ? 
43 O ? H HOH . ? B HOH 199 ? 1_555 MG ? D MG . ? B MG 21 ? 1_555 O ? H HOH . ? B HOH 202 ? 1_555 88.4  ? 
44 O ? H HOH . ? B HOH 200 ? 1_555 MG ? D MG . ? B MG 21 ? 1_555 O ? H HOH . ? B HOH 202 ? 1_555 178.4 ? 
45 O ? H HOH . ? B HOH 201 ? 1_555 MG ? D MG . ? B MG 21 ? 1_555 O ? H HOH . ? B HOH 202 ? 1_555 90.6  ? 
46 O ? H HOH . ? B HOH 209 ? 1_555 MG ? F MG . ? B MG 23 ? 1_555 O ? H HOH . ? B HOH 210 ? 1_555 177.6 ? 
47 O ? H HOH . ? B HOH 209 ? 1_555 MG ? F MG . ? B MG 23 ? 1_555 O ? H HOH . ? B HOH 211 ? 1_555 88.8  ? 
48 O ? H HOH . ? B HOH 210 ? 1_555 MG ? F MG . ? B MG 23 ? 1_555 O ? H HOH . ? B HOH 211 ? 1_555 89.3  ? 
49 O ? H HOH . ? B HOH 209 ? 1_555 MG ? F MG . ? B MG 23 ? 1_555 O ? H HOH . ? B HOH 212 ? 1_555 88.3  ? 
50 O ? H HOH . ? B HOH 210 ? 1_555 MG ? F MG . ? B MG 23 ? 1_555 O ? H HOH . ? B HOH 212 ? 1_555 90.2  ? 
51 O ? H HOH . ? B HOH 211 ? 1_555 MG ? F MG . ? B MG 23 ? 1_555 O ? H HOH . ? B HOH 212 ? 1_555 89.5  ? 
52 O ? H HOH . ? B HOH 209 ? 1_555 MG ? F MG . ? B MG 23 ? 1_555 O ? H HOH . ? B HOH 213 ? 1_555 89.8  ? 
53 O ? H HOH . ? B HOH 210 ? 1_555 MG ? F MG . ? B MG 23 ? 1_555 O ? H HOH . ? B HOH 213 ? 1_555 92.0  ? 
54 O ? H HOH . ? B HOH 211 ? 1_555 MG ? F MG . ? B MG 23 ? 1_555 O ? H HOH . ? B HOH 213 ? 1_555 178.5 ? 
55 O ? H HOH . ? B HOH 212 ? 1_555 MG ? F MG . ? B MG 23 ? 1_555 O ? H HOH . ? B HOH 213 ? 1_555 89.8  ? 
56 O ? H HOH . ? B HOH 209 ? 1_555 MG ? F MG . ? B MG 23 ? 1_555 O ? H HOH . ? B HOH 214 ? 1_555 90.0  ? 
57 O ? H HOH . ? B HOH 210 ? 1_555 MG ? F MG . ? B MG 23 ? 1_555 O ? H HOH . ? B HOH 214 ? 1_555 91.4  ? 
58 O ? H HOH . ? B HOH 211 ? 1_555 MG ? F MG . ? B MG 23 ? 1_555 O ? H HOH . ? B HOH 214 ? 1_555 89.5  ? 
59 O ? H HOH . ? B HOH 212 ? 1_555 MG ? F MG . ? B MG 23 ? 1_555 O ? H HOH . ? B HOH 214 ? 1_555 178.1 ? 
60 O ? H HOH . ? B HOH 213 ? 1_555 MG ? F MG . ? B MG 23 ? 1_555 O ? H HOH . ? B HOH 214 ? 1_555 91.1  ? 
# 
loop_
_struct_site.id 
_struct_site.pdbx_evidence_code 
_struct_site.pdbx_auth_asym_id 
_struct_site.pdbx_auth_comp_id 
_struct_site.pdbx_auth_seq_id 
_struct_site.pdbx_auth_ins_code 
_struct_site.pdbx_num_residues 
_struct_site.details 
AC1 Software B MG 21 ? 6 'BINDING SITE FOR RESIDUE MG B 21' 
AC2 Software B MG 22 ? 6 'BINDING SITE FOR RESIDUE MG B 22' 
AC3 Software B MG 23 ? 6 'BINDING SITE FOR RESIDUE MG B 23' 
AC4 Software A MG 24 ? 6 'BINDING SITE FOR RESIDUE MG A 24' 
# 
loop_
_struct_site_gen.id 
_struct_site_gen.site_id 
_struct_site_gen.pdbx_num_res 
_struct_site_gen.label_comp_id 
_struct_site_gen.label_asym_id 
_struct_site_gen.label_seq_id 
_struct_site_gen.pdbx_auth_ins_code 
_struct_site_gen.auth_comp_id 
_struct_site_gen.auth_asym_id 
_struct_site_gen.auth_seq_id 
_struct_site_gen.label_atom_id 
_struct_site_gen.label_alt_id 
_struct_site_gen.symmetry 
_struct_site_gen.details 
1  AC1 6 HOH H . ? HOH B 197 . ? 1_555 ? 
2  AC1 6 HOH H . ? HOH B 198 . ? 1_555 ? 
3  AC1 6 HOH H . ? HOH B 199 . ? 1_555 ? 
4  AC1 6 HOH H . ? HOH B 200 . ? 1_555 ? 
5  AC1 6 HOH H . ? HOH B 201 . ? 1_555 ? 
6  AC1 6 HOH H . ? HOH B 202 . ? 1_555 ? 
7  AC2 6 HOH G . ? HOH A 205 . ? 1_555 ? 
8  AC2 6 HOH H . ? HOH B 203 . ? 1_555 ? 
9  AC2 6 HOH H . ? HOH B 204 . ? 1_555 ? 
10 AC2 6 HOH H . ? HOH B 206 . ? 1_555 ? 
11 AC2 6 HOH H . ? HOH B 207 . ? 1_555 ? 
12 AC2 6 HOH H . ? HOH B 208 . ? 1_555 ? 
13 AC3 6 HOH H . ? HOH B 209 . ? 1_555 ? 
14 AC3 6 HOH H . ? HOH B 210 . ? 1_555 ? 
15 AC3 6 HOH H . ? HOH B 211 . ? 1_555 ? 
16 AC3 6 HOH H . ? HOH B 212 . ? 1_555 ? 
17 AC3 6 HOH H . ? HOH B 213 . ? 1_555 ? 
18 AC3 6 HOH H . ? HOH B 214 . ? 1_555 ? 
19 AC4 6 HOH G . ? HOH A 215 . ? 1_555 ? 
20 AC4 6 HOH G . ? HOH A 216 . ? 1_555 ? 
21 AC4 6 HOH G . ? HOH A 217 . ? 1_555 ? 
22 AC4 6 HOH G . ? HOH A 218 . ? 1_555 ? 
23 AC4 6 HOH H . ? HOH B 219 . ? 1_555 ? 
24 AC4 6 HOH H . ? HOH B 220 . ? 1_555 ? 
# 
loop_
_pdbx_validate_rmsd_angle.id 
_pdbx_validate_rmsd_angle.PDB_model_num 
_pdbx_validate_rmsd_angle.auth_atom_id_1 
_pdbx_validate_rmsd_angle.auth_asym_id_1 
_pdbx_validate_rmsd_angle.auth_comp_id_1 
_pdbx_validate_rmsd_angle.auth_seq_id_1 
_pdbx_validate_rmsd_angle.PDB_ins_code_1 
_pdbx_validate_rmsd_angle.label_alt_id_1 
_pdbx_validate_rmsd_angle.auth_atom_id_2 
_pdbx_validate_rmsd_angle.auth_asym_id_2 
_pdbx_validate_rmsd_angle.auth_comp_id_2 
_pdbx_validate_rmsd_angle.auth_seq_id_2 
_pdbx_validate_rmsd_angle.PDB_ins_code_2 
_pdbx_validate_rmsd_angle.label_alt_id_2 
_pdbx_validate_rmsd_angle.auth_atom_id_3 
_pdbx_validate_rmsd_angle.auth_asym_id_3 
_pdbx_validate_rmsd_angle.auth_comp_id_3 
_pdbx_validate_rmsd_angle.auth_seq_id_3 
_pdbx_validate_rmsd_angle.PDB_ins_code_3 
_pdbx_validate_rmsd_angle.label_alt_id_3 
_pdbx_validate_rmsd_angle.angle_value 
_pdbx_validate_rmsd_angle.angle_target_value 
_pdbx_validate_rmsd_angle.angle_deviation 
_pdbx_validate_rmsd_angle.angle_standard_deviation 
_pdbx_validate_rmsd_angle.linker_flag 
1  1 "C1'" A C  2  ? ? "O4'" A C  2  ? ? "C4'" A C  2  ? ? 105.24 109.70 -4.46 0.70 N 
2  1 "O4'" A DT 4  ? ? "C4'" A DT 4  ? ? "C3'" A DT 4  ? ? 102.00 104.50 -2.50 0.40 N 
3  1 C6    A DA 5  ? ? N1    A DA 5  ? ? C2    A DA 5  ? ? 122.43 118.60 3.83  0.60 N 
4  1 C6    A DA 7  ? ? N1    A DA 7  ? ? C2    A DA 7  ? ? 122.25 118.60 3.65  0.60 N 
5  1 C5    A DA 7  ? ? C6    A DA 7  ? ? N1    A DA 7  ? ? 114.64 117.70 -3.06 0.50 N 
6  1 C5    A DA 7  ? ? C6    A DA 7  ? ? N6    A DA 7  ? ? 128.99 123.70 5.29  0.80 N 
7  1 "O4'" A DC 8  ? ? "C4'" A DC 8  ? ? "C3'" A DC 8  ? ? 101.33 104.50 -3.17 0.40 N 
8  1 "O4'" A DC 10 ? ? "C4'" A DC 10 ? ? "C3'" A DC 10 ? ? 100.64 104.50 -3.86 0.40 N 
9  1 "O4'" A DC 10 ? ? "C1'" A DC 10 ? ? N1    A DC 10 ? ? 111.17 108.30 2.87  0.30 N 
10 1 C6    A DC 10 ? ? N1    A DC 10 ? ? C2    A DC 10 ? ? 124.40 120.30 4.10  0.40 N 
11 1 C5    A DC 10 ? ? C6    A DC 10 ? ? N1    A DC 10 ? ? 117.17 121.00 -3.83 0.50 N 
12 1 C5    A DC 10 ? ? C4    A DC 10 ? ? N4    A DC 10 ? ? 115.18 120.20 -5.02 0.70 N 
13 1 C6    B C  12 ? ? N1    B C  12 ? ? C2    B C  12 ? ? 117.10 120.30 -3.20 0.40 N 
14 1 C5    B C  12 ? ? C6    B C  12 ? ? N1    B C  12 ? ? 126.06 121.00 5.06  0.50 N 
15 1 "C5'" B G  13 ? ? "C4'" B G  13 ? ? "O4'" B G  13 ? ? 115.21 109.80 5.41  0.90 N 
16 1 N1    B G  13 ? ? C6    B G  13 ? ? O6    B G  13 ? ? 116.19 119.90 -3.71 0.60 N 
17 1 C5    B G  13 ? ? C6    B G  13 ? ? O6    B G  13 ? ? 132.52 128.60 3.92  0.60 N 
18 1 "O4'" B DA 15 ? ? "C4'" B DA 15 ? ? "C3'" B DA 15 ? ? 102.09 104.50 -2.41 0.40 N 
19 1 "O4'" B DT 16 ? ? "C4'" B DT 16 ? ? "C3'" B DT 16 ? ? 101.68 104.50 -2.82 0.40 N 
20 1 "O4'" B DA 17 ? ? "C4'" B DA 17 ? ? "C3'" B DA 17 ? ? 101.83 104.50 -2.67 0.40 N 
21 1 "O4'" B DC 18 ? ? "C4'" B DC 18 ? ? "C3'" B DC 18 ? ? 101.43 104.50 -3.07 0.40 N 
22 1 "O4'" B DC 18 ? ? "C1'" B DC 18 ? ? N1    B DC 18 ? ? 110.19 108.30 1.89  0.30 N 
# 
loop_
_pdbx_validate_planes.id 
_pdbx_validate_planes.PDB_model_num 
_pdbx_validate_planes.auth_comp_id 
_pdbx_validate_planes.auth_asym_id 
_pdbx_validate_planes.auth_seq_id 
_pdbx_validate_planes.PDB_ins_code 
_pdbx_validate_planes.label_alt_id 
_pdbx_validate_planes.rmsd 
_pdbx_validate_planes.type 
1 1 G  A 3  ? ? 0.068 'SIDE CHAIN' 
2 1 DA A 7  ? ? 0.063 'SIDE CHAIN' 
3 1 G  B 11 ? ? 0.073 'SIDE CHAIN' 
4 1 DC B 20 ? ? 0.066 'SIDE CHAIN' 
# 
loop_
_chem_comp_atom.comp_id 
_chem_comp_atom.atom_id 
_chem_comp_atom.type_symbol 
_chem_comp_atom.pdbx_aromatic_flag 
_chem_comp_atom.pdbx_stereo_config 
_chem_comp_atom.pdbx_ordinal 
C   OP3    O  N N 1   
C   P      P  N N 2   
C   OP1    O  N N 3   
C   OP2    O  N N 4   
C   "O5'"  O  N N 5   
C   "C5'"  C  N N 6   
C   "C4'"  C  N R 7   
C   "O4'"  O  N N 8   
C   "C3'"  C  N S 9   
C   "O3'"  O  N N 10  
C   "C2'"  C  N R 11  
C   "O2'"  O  N N 12  
C   "C1'"  C  N R 13  
C   N1     N  N N 14  
C   C2     C  N N 15  
C   O2     O  N N 16  
C   N3     N  N N 17  
C   C4     C  N N 18  
C   N4     N  N N 19  
C   C5     C  N N 20  
C   C6     C  N N 21  
C   HOP3   H  N N 22  
C   HOP2   H  N N 23  
C   "H5'"  H  N N 24  
C   "H5''" H  N N 25  
C   "H4'"  H  N N 26  
C   "H3'"  H  N N 27  
C   "HO3'" H  N N 28  
C   "H2'"  H  N N 29  
C   "HO2'" H  N N 30  
C   "H1'"  H  N N 31  
C   H41    H  N N 32  
C   H42    H  N N 33  
C   H5     H  N N 34  
C   H6     H  N N 35  
DA  OP3    O  N N 36  
DA  P      P  N N 37  
DA  OP1    O  N N 38  
DA  OP2    O  N N 39  
DA  "O5'"  O  N N 40  
DA  "C5'"  C  N N 41  
DA  "C4'"  C  N R 42  
DA  "O4'"  O  N N 43  
DA  "C3'"  C  N S 44  
DA  "O3'"  O  N N 45  
DA  "C2'"  C  N N 46  
DA  "C1'"  C  N R 47  
DA  N9     N  Y N 48  
DA  C8     C  Y N 49  
DA  N7     N  Y N 50  
DA  C5     C  Y N 51  
DA  C6     C  Y N 52  
DA  N6     N  N N 53  
DA  N1     N  Y N 54  
DA  C2     C  Y N 55  
DA  N3     N  Y N 56  
DA  C4     C  Y N 57  
DA  HOP3   H  N N 58  
DA  HOP2   H  N N 59  
DA  "H5'"  H  N N 60  
DA  "H5''" H  N N 61  
DA  "H4'"  H  N N 62  
DA  "H3'"  H  N N 63  
DA  "HO3'" H  N N 64  
DA  "H2'"  H  N N 65  
DA  "H2''" H  N N 66  
DA  "H1'"  H  N N 67  
DA  H8     H  N N 68  
DA  H61    H  N N 69  
DA  H62    H  N N 70  
DA  H2     H  N N 71  
DC  OP3    O  N N 72  
DC  P      P  N N 73  
DC  OP1    O  N N 74  
DC  OP2    O  N N 75  
DC  "O5'"  O  N N 76  
DC  "C5'"  C  N N 77  
DC  "C4'"  C  N R 78  
DC  "O4'"  O  N N 79  
DC  "C3'"  C  N S 80  
DC  "O3'"  O  N N 81  
DC  "C2'"  C  N N 82  
DC  "C1'"  C  N R 83  
DC  N1     N  N N 84  
DC  C2     C  N N 85  
DC  O2     O  N N 86  
DC  N3     N  N N 87  
DC  C4     C  N N 88  
DC  N4     N  N N 89  
DC  C5     C  N N 90  
DC  C6     C  N N 91  
DC  HOP3   H  N N 92  
DC  HOP2   H  N N 93  
DC  "H5'"  H  N N 94  
DC  "H5''" H  N N 95  
DC  "H4'"  H  N N 96  
DC  "H3'"  H  N N 97  
DC  "HO3'" H  N N 98  
DC  "H2'"  H  N N 99  
DC  "H2''" H  N N 100 
DC  "H1'"  H  N N 101 
DC  H41    H  N N 102 
DC  H42    H  N N 103 
DC  H5     H  N N 104 
DC  H6     H  N N 105 
DG  OP3    O  N N 106 
DG  P      P  N N 107 
DG  OP1    O  N N 108 
DG  OP2    O  N N 109 
DG  "O5'"  O  N N 110 
DG  "C5'"  C  N N 111 
DG  "C4'"  C  N R 112 
DG  "O4'"  O  N N 113 
DG  "C3'"  C  N S 114 
DG  "O3'"  O  N N 115 
DG  "C2'"  C  N N 116 
DG  "C1'"  C  N R 117 
DG  N9     N  Y N 118 
DG  C8     C  Y N 119 
DG  N7     N  Y N 120 
DG  C5     C  Y N 121 
DG  C6     C  N N 122 
DG  O6     O  N N 123 
DG  N1     N  N N 124 
DG  C2     C  N N 125 
DG  N2     N  N N 126 
DG  N3     N  N N 127 
DG  C4     C  Y N 128 
DG  HOP3   H  N N 129 
DG  HOP2   H  N N 130 
DG  "H5'"  H  N N 131 
DG  "H5''" H  N N 132 
DG  "H4'"  H  N N 133 
DG  "H3'"  H  N N 134 
DG  "HO3'" H  N N 135 
DG  "H2'"  H  N N 136 
DG  "H2''" H  N N 137 
DG  "H1'"  H  N N 138 
DG  H8     H  N N 139 
DG  H1     H  N N 140 
DG  H21    H  N N 141 
DG  H22    H  N N 142 
DT  OP3    O  N N 143 
DT  P      P  N N 144 
DT  OP1    O  N N 145 
DT  OP2    O  N N 146 
DT  "O5'"  O  N N 147 
DT  "C5'"  C  N N 148 
DT  "C4'"  C  N R 149 
DT  "O4'"  O  N N 150 
DT  "C3'"  C  N S 151 
DT  "O3'"  O  N N 152 
DT  "C2'"  C  N N 153 
DT  "C1'"  C  N R 154 
DT  N1     N  N N 155 
DT  C2     C  N N 156 
DT  O2     O  N N 157 
DT  N3     N  N N 158 
DT  C4     C  N N 159 
DT  O4     O  N N 160 
DT  C5     C  N N 161 
DT  C7     C  N N 162 
DT  C6     C  N N 163 
DT  HOP3   H  N N 164 
DT  HOP2   H  N N 165 
DT  "H5'"  H  N N 166 
DT  "H5''" H  N N 167 
DT  "H4'"  H  N N 168 
DT  "H3'"  H  N N 169 
DT  "HO3'" H  N N 170 
DT  "H2'"  H  N N 171 
DT  "H2''" H  N N 172 
DT  "H1'"  H  N N 173 
DT  H3     H  N N 174 
DT  H71    H  N N 175 
DT  H72    H  N N 176 
DT  H73    H  N N 177 
DT  H6     H  N N 178 
G   OP3    O  N N 179 
G   P      P  N N 180 
G   OP1    O  N N 181 
G   OP2    O  N N 182 
G   "O5'"  O  N N 183 
G   "C5'"  C  N N 184 
G   "C4'"  C  N R 185 
G   "O4'"  O  N N 186 
G   "C3'"  C  N S 187 
G   "O3'"  O  N N 188 
G   "C2'"  C  N R 189 
G   "O2'"  O  N N 190 
G   "C1'"  C  N R 191 
G   N9     N  Y N 192 
G   C8     C  Y N 193 
G   N7     N  Y N 194 
G   C5     C  Y N 195 
G   C6     C  N N 196 
G   O6     O  N N 197 
G   N1     N  N N 198 
G   C2     C  N N 199 
G   N2     N  N N 200 
G   N3     N  N N 201 
G   C4     C  Y N 202 
G   HOP3   H  N N 203 
G   HOP2   H  N N 204 
G   "H5'"  H  N N 205 
G   "H5''" H  N N 206 
G   "H4'"  H  N N 207 
G   "H3'"  H  N N 208 
G   "HO3'" H  N N 209 
G   "H2'"  H  N N 210 
G   "HO2'" H  N N 211 
G   "H1'"  H  N N 212 
G   H8     H  N N 213 
G   H1     H  N N 214 
G   H21    H  N N 215 
G   H22    H  N N 216 
HOH O      O  N N 217 
HOH H1     H  N N 218 
HOH H2     H  N N 219 
MG  MG     MG N N 220 
# 
loop_
_chem_comp_bond.comp_id 
_chem_comp_bond.atom_id_1 
_chem_comp_bond.atom_id_2 
_chem_comp_bond.value_order 
_chem_comp_bond.pdbx_aromatic_flag 
_chem_comp_bond.pdbx_stereo_config 
_chem_comp_bond.pdbx_ordinal 
C   OP3   P      sing N N 1   
C   OP3   HOP3   sing N N 2   
C   P     OP1    doub N N 3   
C   P     OP2    sing N N 4   
C   P     "O5'"  sing N N 5   
C   OP2   HOP2   sing N N 6   
C   "O5'" "C5'"  sing N N 7   
C   "C5'" "C4'"  sing N N 8   
C   "C5'" "H5'"  sing N N 9   
C   "C5'" "H5''" sing N N 10  
C   "C4'" "O4'"  sing N N 11  
C   "C4'" "C3'"  sing N N 12  
C   "C4'" "H4'"  sing N N 13  
C   "O4'" "C1'"  sing N N 14  
C   "C3'" "O3'"  sing N N 15  
C   "C3'" "C2'"  sing N N 16  
C   "C3'" "H3'"  sing N N 17  
C   "O3'" "HO3'" sing N N 18  
C   "C2'" "O2'"  sing N N 19  
C   "C2'" "C1'"  sing N N 20  
C   "C2'" "H2'"  sing N N 21  
C   "O2'" "HO2'" sing N N 22  
C   "C1'" N1     sing N N 23  
C   "C1'" "H1'"  sing N N 24  
C   N1    C2     sing N N 25  
C   N1    C6     sing N N 26  
C   C2    O2     doub N N 27  
C   C2    N3     sing N N 28  
C   N3    C4     doub N N 29  
C   C4    N4     sing N N 30  
C   C4    C5     sing N N 31  
C   N4    H41    sing N N 32  
C   N4    H42    sing N N 33  
C   C5    C6     doub N N 34  
C   C5    H5     sing N N 35  
C   C6    H6     sing N N 36  
DA  OP3   P      sing N N 37  
DA  OP3   HOP3   sing N N 38  
DA  P     OP1    doub N N 39  
DA  P     OP2    sing N N 40  
DA  P     "O5'"  sing N N 41  
DA  OP2   HOP2   sing N N 42  
DA  "O5'" "C5'"  sing N N 43  
DA  "C5'" "C4'"  sing N N 44  
DA  "C5'" "H5'"  sing N N 45  
DA  "C5'" "H5''" sing N N 46  
DA  "C4'" "O4'"  sing N N 47  
DA  "C4'" "C3'"  sing N N 48  
DA  "C4'" "H4'"  sing N N 49  
DA  "O4'" "C1'"  sing N N 50  
DA  "C3'" "O3'"  sing N N 51  
DA  "C3'" "C2'"  sing N N 52  
DA  "C3'" "H3'"  sing N N 53  
DA  "O3'" "HO3'" sing N N 54  
DA  "C2'" "C1'"  sing N N 55  
DA  "C2'" "H2'"  sing N N 56  
DA  "C2'" "H2''" sing N N 57  
DA  "C1'" N9     sing N N 58  
DA  "C1'" "H1'"  sing N N 59  
DA  N9    C8     sing Y N 60  
DA  N9    C4     sing Y N 61  
DA  C8    N7     doub Y N 62  
DA  C8    H8     sing N N 63  
DA  N7    C5     sing Y N 64  
DA  C5    C6     sing Y N 65  
DA  C5    C4     doub Y N 66  
DA  C6    N6     sing N N 67  
DA  C6    N1     doub Y N 68  
DA  N6    H61    sing N N 69  
DA  N6    H62    sing N N 70  
DA  N1    C2     sing Y N 71  
DA  C2    N3     doub Y N 72  
DA  C2    H2     sing N N 73  
DA  N3    C4     sing Y N 74  
DC  OP3   P      sing N N 75  
DC  OP3   HOP3   sing N N 76  
DC  P     OP1    doub N N 77  
DC  P     OP2    sing N N 78  
DC  P     "O5'"  sing N N 79  
DC  OP2   HOP2   sing N N 80  
DC  "O5'" "C5'"  sing N N 81  
DC  "C5'" "C4'"  sing N N 82  
DC  "C5'" "H5'"  sing N N 83  
DC  "C5'" "H5''" sing N N 84  
DC  "C4'" "O4'"  sing N N 85  
DC  "C4'" "C3'"  sing N N 86  
DC  "C4'" "H4'"  sing N N 87  
DC  "O4'" "C1'"  sing N N 88  
DC  "C3'" "O3'"  sing N N 89  
DC  "C3'" "C2'"  sing N N 90  
DC  "C3'" "H3'"  sing N N 91  
DC  "O3'" "HO3'" sing N N 92  
DC  "C2'" "C1'"  sing N N 93  
DC  "C2'" "H2'"  sing N N 94  
DC  "C2'" "H2''" sing N N 95  
DC  "C1'" N1     sing N N 96  
DC  "C1'" "H1'"  sing N N 97  
DC  N1    C2     sing N N 98  
DC  N1    C6     sing N N 99  
DC  C2    O2     doub N N 100 
DC  C2    N3     sing N N 101 
DC  N3    C4     doub N N 102 
DC  C4    N4     sing N N 103 
DC  C4    C5     sing N N 104 
DC  N4    H41    sing N N 105 
DC  N4    H42    sing N N 106 
DC  C5    C6     doub N N 107 
DC  C5    H5     sing N N 108 
DC  C6    H6     sing N N 109 
DG  OP3   P      sing N N 110 
DG  OP3   HOP3   sing N N 111 
DG  P     OP1    doub N N 112 
DG  P     OP2    sing N N 113 
DG  P     "O5'"  sing N N 114 
DG  OP2   HOP2   sing N N 115 
DG  "O5'" "C5'"  sing N N 116 
DG  "C5'" "C4'"  sing N N 117 
DG  "C5'" "H5'"  sing N N 118 
DG  "C5'" "H5''" sing N N 119 
DG  "C4'" "O4'"  sing N N 120 
DG  "C4'" "C3'"  sing N N 121 
DG  "C4'" "H4'"  sing N N 122 
DG  "O4'" "C1'"  sing N N 123 
DG  "C3'" "O3'"  sing N N 124 
DG  "C3'" "C2'"  sing N N 125 
DG  "C3'" "H3'"  sing N N 126 
DG  "O3'" "HO3'" sing N N 127 
DG  "C2'" "C1'"  sing N N 128 
DG  "C2'" "H2'"  sing N N 129 
DG  "C2'" "H2''" sing N N 130 
DG  "C1'" N9     sing N N 131 
DG  "C1'" "H1'"  sing N N 132 
DG  N9    C8     sing Y N 133 
DG  N9    C4     sing Y N 134 
DG  C8    N7     doub Y N 135 
DG  C8    H8     sing N N 136 
DG  N7    C5     sing Y N 137 
DG  C5    C6     sing N N 138 
DG  C5    C4     doub Y N 139 
DG  C6    O6     doub N N 140 
DG  C6    N1     sing N N 141 
DG  N1    C2     sing N N 142 
DG  N1    H1     sing N N 143 
DG  C2    N2     sing N N 144 
DG  C2    N3     doub N N 145 
DG  N2    H21    sing N N 146 
DG  N2    H22    sing N N 147 
DG  N3    C4     sing N N 148 
DT  OP3   P      sing N N 149 
DT  OP3   HOP3   sing N N 150 
DT  P     OP1    doub N N 151 
DT  P     OP2    sing N N 152 
DT  P     "O5'"  sing N N 153 
DT  OP2   HOP2   sing N N 154 
DT  "O5'" "C5'"  sing N N 155 
DT  "C5'" "C4'"  sing N N 156 
DT  "C5'" "H5'"  sing N N 157 
DT  "C5'" "H5''" sing N N 158 
DT  "C4'" "O4'"  sing N N 159 
DT  "C4'" "C3'"  sing N N 160 
DT  "C4'" "H4'"  sing N N 161 
DT  "O4'" "C1'"  sing N N 162 
DT  "C3'" "O3'"  sing N N 163 
DT  "C3'" "C2'"  sing N N 164 
DT  "C3'" "H3'"  sing N N 165 
DT  "O3'" "HO3'" sing N N 166 
DT  "C2'" "C1'"  sing N N 167 
DT  "C2'" "H2'"  sing N N 168 
DT  "C2'" "H2''" sing N N 169 
DT  "C1'" N1     sing N N 170 
DT  "C1'" "H1'"  sing N N 171 
DT  N1    C2     sing N N 172 
DT  N1    C6     sing N N 173 
DT  C2    O2     doub N N 174 
DT  C2    N3     sing N N 175 
DT  N3    C4     sing N N 176 
DT  N3    H3     sing N N 177 
DT  C4    O4     doub N N 178 
DT  C4    C5     sing N N 179 
DT  C5    C7     sing N N 180 
DT  C5    C6     doub N N 181 
DT  C7    H71    sing N N 182 
DT  C7    H72    sing N N 183 
DT  C7    H73    sing N N 184 
DT  C6    H6     sing N N 185 
G   OP3   P      sing N N 186 
G   OP3   HOP3   sing N N 187 
G   P     OP1    doub N N 188 
G   P     OP2    sing N N 189 
G   P     "O5'"  sing N N 190 
G   OP2   HOP2   sing N N 191 
G   "O5'" "C5'"  sing N N 192 
G   "C5'" "C4'"  sing N N 193 
G   "C5'" "H5'"  sing N N 194 
G   "C5'" "H5''" sing N N 195 
G   "C4'" "O4'"  sing N N 196 
G   "C4'" "C3'"  sing N N 197 
G   "C4'" "H4'"  sing N N 198 
G   "O4'" "C1'"  sing N N 199 
G   "C3'" "O3'"  sing N N 200 
G   "C3'" "C2'"  sing N N 201 
G   "C3'" "H3'"  sing N N 202 
G   "O3'" "HO3'" sing N N 203 
G   "C2'" "O2'"  sing N N 204 
G   "C2'" "C1'"  sing N N 205 
G   "C2'" "H2'"  sing N N 206 
G   "O2'" "HO2'" sing N N 207 
G   "C1'" N9     sing N N 208 
G   "C1'" "H1'"  sing N N 209 
G   N9    C8     sing Y N 210 
G   N9    C4     sing Y N 211 
G   C8    N7     doub Y N 212 
G   C8    H8     sing N N 213 
G   N7    C5     sing Y N 214 
G   C5    C6     sing N N 215 
G   C5    C4     doub Y N 216 
G   C6    O6     doub N N 217 
G   C6    N1     sing N N 218 
G   N1    C2     sing N N 219 
G   N1    H1     sing N N 220 
G   C2    N2     sing N N 221 
G   C2    N3     doub N N 222 
G   N2    H21    sing N N 223 
G   N2    H22    sing N N 224 
G   N3    C4     sing N N 225 
HOH O     H1     sing N N 226 
HOH O     H2     sing N N 227 
# 
_ndb_struct_conf_na.entry_id   1DNO 
_ndb_struct_conf_na.feature    'a-form double helix' 
# 
loop_
_ndb_struct_na_base_pair.model_number 
_ndb_struct_na_base_pair.i_label_asym_id 
_ndb_struct_na_base_pair.i_label_comp_id 
_ndb_struct_na_base_pair.i_label_seq_id 
_ndb_struct_na_base_pair.i_symmetry 
_ndb_struct_na_base_pair.j_label_asym_id 
_ndb_struct_na_base_pair.j_label_comp_id 
_ndb_struct_na_base_pair.j_label_seq_id 
_ndb_struct_na_base_pair.j_symmetry 
_ndb_struct_na_base_pair.shear 
_ndb_struct_na_base_pair.stretch 
_ndb_struct_na_base_pair.stagger 
_ndb_struct_na_base_pair.buckle 
_ndb_struct_na_base_pair.propeller 
_ndb_struct_na_base_pair.opening 
_ndb_struct_na_base_pair.pair_number 
_ndb_struct_na_base_pair.pair_name 
_ndb_struct_na_base_pair.i_auth_asym_id 
_ndb_struct_na_base_pair.i_auth_seq_id 
_ndb_struct_na_base_pair.i_PDB_ins_code 
_ndb_struct_na_base_pair.j_auth_asym_id 
_ndb_struct_na_base_pair.j_auth_seq_id 
_ndb_struct_na_base_pair.j_PDB_ins_code 
_ndb_struct_na_base_pair.hbond_type_28 
_ndb_struct_na_base_pair.hbond_type_12 
1 A G  1  1_555 B DC 10 1_555 -0.092 -0.112 0.113  3.180   -6.173  -3.804 1  A_G1:DC20_B  A 1  ? B 20 ? 19 1 
1 A C  2  1_555 B DG 9  1_555 0.205  -0.138 -0.019 4.319   -13.011 1.118  2  A_C2:DG19_B  A 2  ? B 19 ? 19 1 
1 A G  3  1_555 B DC 8  1_555 -0.217 -0.090 -0.054 -11.408 -15.384 0.375  3  A_G3:DC18_B  A 3  ? B 18 ? 19 1 
1 A DT 4  1_555 B DA 7  1_555 -0.129 -0.092 0.170  -4.502  -9.488  -0.917 4  A_DT4:DA17_B A 4  ? B 17 ? 20 1 
1 A DA 5  1_555 B DT 6  1_555 -0.020 -0.109 0.186  1.052   -15.087 3.360  5  A_DA5:DT16_B A 5  ? B 16 ? 20 1 
1 A DT 6  1_555 B DA 5  1_555 0.032  0.005  0.270  8.772   -14.410 12.181 6  A_DT6:DA15_B A 6  ? B 15 ? 20 1 
1 A DA 7  1_555 B DT 4  1_555 -0.039 -0.085 0.118  10.106  -12.218 5.009  7  A_DA7:DT14_B A 7  ? B 14 ? 20 1 
1 A DC 8  1_555 B G  3  1_555 0.164  -0.162 -0.132 10.667  -18.872 0.426  8  A_DC8:G13_B  A 8  ? B 13 ? 19 1 
1 A DG 9  1_555 B C  2  1_555 -0.135 -0.225 0.156  -2.757  -13.106 0.504  9  A_DG9:C12_B  A 9  ? B 12 ? 19 1 
1 A DC 10 1_555 B G  1  1_555 0.270  -0.090 0.220  -2.976  -0.345  -2.813 10 A_DC10:G11_B A 10 ? B 11 ? 19 1 
# 
loop_
_ndb_struct_na_base_pair_step.model_number 
_ndb_struct_na_base_pair_step.i_label_asym_id_1 
_ndb_struct_na_base_pair_step.i_label_comp_id_1 
_ndb_struct_na_base_pair_step.i_label_seq_id_1 
_ndb_struct_na_base_pair_step.i_symmetry_1 
_ndb_struct_na_base_pair_step.j_label_asym_id_1 
_ndb_struct_na_base_pair_step.j_label_comp_id_1 
_ndb_struct_na_base_pair_step.j_label_seq_id_1 
_ndb_struct_na_base_pair_step.j_symmetry_1 
_ndb_struct_na_base_pair_step.i_label_asym_id_2 
_ndb_struct_na_base_pair_step.i_label_comp_id_2 
_ndb_struct_na_base_pair_step.i_label_seq_id_2 
_ndb_struct_na_base_pair_step.i_symmetry_2 
_ndb_struct_na_base_pair_step.j_label_asym_id_2 
_ndb_struct_na_base_pair_step.j_label_comp_id_2 
_ndb_struct_na_base_pair_step.j_label_seq_id_2 
_ndb_struct_na_base_pair_step.j_symmetry_2 
_ndb_struct_na_base_pair_step.shift 
_ndb_struct_na_base_pair_step.slide 
_ndb_struct_na_base_pair_step.rise 
_ndb_struct_na_base_pair_step.tilt 
_ndb_struct_na_base_pair_step.roll 
_ndb_struct_na_base_pair_step.twist 
_ndb_struct_na_base_pair_step.x_displacement 
_ndb_struct_na_base_pair_step.y_displacement 
_ndb_struct_na_base_pair_step.helical_rise 
_ndb_struct_na_base_pair_step.inclination 
_ndb_struct_na_base_pair_step.tip 
_ndb_struct_na_base_pair_step.helical_twist 
_ndb_struct_na_base_pair_step.step_number 
_ndb_struct_na_base_pair_step.step_name 
_ndb_struct_na_base_pair_step.i_auth_asym_id_1 
_ndb_struct_na_base_pair_step.i_auth_seq_id_1 
_ndb_struct_na_base_pair_step.i_PDB_ins_code_1 
_ndb_struct_na_base_pair_step.j_auth_asym_id_1 
_ndb_struct_na_base_pair_step.j_auth_seq_id_1 
_ndb_struct_na_base_pair_step.j_PDB_ins_code_1 
_ndb_struct_na_base_pair_step.i_auth_asym_id_2 
_ndb_struct_na_base_pair_step.i_auth_seq_id_2 
_ndb_struct_na_base_pair_step.i_PDB_ins_code_2 
_ndb_struct_na_base_pair_step.j_auth_asym_id_2 
_ndb_struct_na_base_pair_step.j_auth_seq_id_2 
_ndb_struct_na_base_pair_step.j_PDB_ins_code_2 
1 A G  1 1_555 B DC 10 1_555 A C  2  1_555 B DG 9 1_555 0.542  -1.718 3.205 1.218  2.123  38.305 -2.870 -0.677 3.124 3.231  -1.854 
38.380 1 AA_G1C2:DG19DC20_BB   A 1 ? B 20 ? A 2  ? B 19 ? 
1 A C  2 1_555 B DG 9  1_555 A G  3  1_555 B DC 8 1_555 -0.594 -1.913 3.421 -1.902 16.303 28.110 -6.005 0.762  2.065 30.499 3.558  
32.468 2 AA_C2G3:DC18DG19_BB   A 2 ? B 19 ? A 3  ? B 18 ? 
1 A G  3 1_555 B DC 8  1_555 A DT 4  1_555 B DA 7 1_555 -0.502 -1.156 3.125 -3.139 4.731  31.593 -2.889 0.380  2.960 8.603  5.707  
32.086 3 AA_G3DT4:DA17DC18_BB  A 3 ? B 18 ? A 4  ? B 17 ? 
1 A DT 4 1_555 B DA 7  1_555 A DA 5  1_555 B DT 6 1_555 0.450  -1.212 3.007 1.250  13.861 29.502 -4.205 -0.619 2.244 25.507 -2.300 
32.554 4 AA_DT4DA5:DT16DA17_BB A 4 ? B 17 ? A 5  ? B 16 ? 
1 A DA 5 1_555 B DT 6  1_555 A DT 6  1_555 B DA 5 1_555 0.897  -1.214 3.092 0.126  8.264  32.666 -3.310 -1.531 2.716 14.407 -0.219 
33.668 5 AA_DA5DT6:DA15DT16_BB A 5 ? B 16 ? A 6  ? B 15 ? 
1 A DT 6 1_555 B DA 5  1_555 A DA 7  1_555 B DT 4 1_555 -0.775 -1.114 3.062 -0.056 16.087 29.537 -4.192 1.335  2.183 29.002 0.102  
33.548 6 AA_DT6DA7:DT14DA15_BB A 6 ? B 15 ? A 7  ? B 14 ? 
1 A DA 7 1_555 B DT 4  1_555 A DC 8  1_555 B G  3 1_555 -0.351 -1.206 3.283 2.066  5.024  31.700 -3.053 0.993  3.033 9.113  -3.748 
32.150 7 AA_DA7DC8:G13DT14_BB  A 7 ? B 14 ? A 8  ? B 13 ? 
1 A DC 8 1_555 B G  3  1_555 A DG 9  1_555 B C  2 1_555 -0.124 -1.526 3.475 -3.774 13.535 31.798 -4.586 -0.356 2.626 23.332 6.505  
34.691 8 AA_DC8DG9:C12G13_BB   A 8 ? B 13 ? A 9  ? B 12 ? 
1 A DG 9 1_555 B C  2  1_555 A DC 10 1_555 B G  1 1_555 0.453  -1.894 3.357 2.779  -0.409 35.914 -3.003 -0.325 3.402 -0.662 -4.498 
36.020 9 AA_DG9DC10:G11C12_BB  A 9 ? B 12 ? A 10 ? B 11 ? 
# 
_atom_sites.entry_id                    1DNO 
_atom_sites.fract_transf_matrix[1][1]   0.03451787 
_atom_sites.fract_transf_matrix[1][2]   -0.00890508 
_atom_sites.fract_transf_matrix[1][3]   0.02089795 
_atom_sites.fract_transf_matrix[2][1]   -0.00802246 
_atom_sites.fract_transf_matrix[2][2]   0.01209962 
_atom_sites.fract_transf_matrix[2][3]   0.01840689 
_atom_sites.fract_transf_matrix[3][1]   -0.00872427 
_atom_sites.fract_transf_matrix[3][2]   -0.01680957 
_atom_sites.fract_transf_matrix[3][3]   0.00724725 
_atom_sites.fract_transf_vector[1]      0.114476 
_atom_sites.fract_transf_vector[2]      -0.039037 
_atom_sites.fract_transf_vector[3]      0.246469 
# 
loop_
_atom_type.symbol 
C  
MG 
N  
O  
P  
# 
loop_
_atom_site.group_PDB 
_atom_site.id 
_atom_site.type_symbol 
_atom_site.label_atom_id 
_atom_site.label_alt_id 
_atom_site.label_comp_id 
_atom_site.label_asym_id 
_atom_site.label_entity_id 
_atom_site.label_seq_id 
_atom_site.pdbx_PDB_ins_code 
_atom_site.Cartn_x 
_atom_site.Cartn_y 
_atom_site.Cartn_z 
_atom_site.occupancy 
_atom_site.B_iso_or_equiv 
_atom_site.pdbx_formal_charge 
_atom_site.auth_seq_id 
_atom_site.auth_comp_id 
_atom_site.auth_asym_id 
_atom_site.auth_atom_id 
_atom_site.pdbx_PDB_model_num 
ATOM   1   O  "O5'" . G   A 1 1  ? -6.566  8.271   -0.238  1.00 41.34 ? 1   G   A "O5'" 1 
ATOM   2   C  "C5'" . G   A 1 1  ? -6.787  9.588   0.297   1.00 22.10 ? 1   G   A "C5'" 1 
ATOM   3   C  "C4'" . G   A 1 1  ? -7.224  9.496   1.737   1.00 18.60 ? 1   G   A "C4'" 1 
ATOM   4   O  "O4'" . G   A 1 1  ? -8.629  9.117   1.765   1.00 22.01 ? 1   G   A "O4'" 1 
ATOM   5   C  "C3'" . G   A 1 1  ? -6.548  8.465   2.633   1.00 19.18 ? 1   G   A "C3'" 1 
ATOM   6   O  "O3'" . G   A 1 1  ? -5.345  8.958   3.227   1.00 16.55 ? 1   G   A "O3'" 1 
ATOM   7   C  "C2'" . G   A 1 1  ? -7.594  8.276   3.729   1.00 20.89 ? 1   G   A "C2'" 1 
ATOM   8   O  "O2'" . G   A 1 1  ? -7.605  9.369   4.634   1.00 18.89 ? 1   G   A "O2'" 1 
ATOM   9   C  "C1'" . G   A 1 1  ? -8.864  8.272   2.906   1.00 21.48 ? 1   G   A "C1'" 1 
ATOM   10  N  N9    . G   A 1 1  ? -9.233  6.955   2.388   1.00 17.36 ? 1   G   A N9    1 
ATOM   11  C  C8    . G   A 1 1  ? -9.318  6.567   1.079   1.00 21.70 ? 1   G   A C8    1 
ATOM   12  N  N7    . G   A 1 1  ? -9.682  5.314   0.944   1.00 17.85 ? 1   G   A N7    1 
ATOM   13  C  C5    . G   A 1 1  ? -9.872  4.866   2.239   1.00 16.36 ? 1   G   A C5    1 
ATOM   14  C  C6    . G   A 1 1  ? -10.321 3.599   2.694   1.00 14.97 ? 1   G   A C6    1 
ATOM   15  O  O6    . G   A 1 1  ? -10.691 2.664   1.976   1.00 18.89 ? 1   G   A O6    1 
ATOM   16  N  N1    . G   A 1 1  ? -10.401 3.553   4.076   1.00 14.26 ? 1   G   A N1    1 
ATOM   17  C  C2    . G   A 1 1  ? -10.098 4.601   4.917   1.00 13.49 ? 1   G   A C2    1 
ATOM   18  N  N2    . G   A 1 1  ? -10.234 4.361   6.232   1.00 14.02 ? 1   G   A N2    1 
ATOM   19  N  N3    . G   A 1 1  ? -9.763  5.820   4.493   1.00 16.72 ? 1   G   A N3    1 
ATOM   20  C  C4    . G   A 1 1  ? -9.547  5.838   3.146   1.00 17.39 ? 1   G   A C4    1 
ATOM   21  P  P     . C   A 1 2  ? -4.074  8.038   3.443   1.00 19.12 ? 2   C   A P     1 
ATOM   22  O  OP1   . C   A 1 2  ? -2.990  8.963   3.872   1.00 22.15 ? 2   C   A OP1   1 
ATOM   23  O  OP2   . C   A 1 2  ? -3.974  7.158   2.240   1.00 22.27 ? 2   C   A OP2   1 
ATOM   24  O  "O5'" . C   A 1 2  ? -4.524  7.119   4.660   1.00 18.28 ? 2   C   A "O5'" 1 
ATOM   25  C  "C5'" . C   A 1 2  ? -4.829  7.677   5.952   1.00 14.97 ? 2   C   A "C5'" 1 
ATOM   26  C  "C4'" . C   A 1 2  ? -5.341  6.550   6.829   1.00 17.05 ? 2   C   A "C4'" 1 
ATOM   27  O  "O4'" . C   A 1 2  ? -6.642  6.126   6.321   1.00 14.63 ? 2   C   A "O4'" 1 
ATOM   28  C  "C3'" . C   A 1 2  ? -4.489  5.284   6.854   1.00 14.55 ? 2   C   A "C3'" 1 
ATOM   29  O  "O3'" . C   A 1 2  ? -3.403  5.482   7.778   1.00 16.57 ? 2   C   A "O3'" 1 
ATOM   30  C  "C2'" . C   A 1 2  ? -5.511  4.265   7.369   1.00 14.27 ? 2   C   A "C2'" 1 
ATOM   31  O  "O2'" . C   A 1 2  ? -5.798  4.521   8.752   1.00 15.57 ? 2   C   A "O2'" 1 
ATOM   32  C  "C1'" . C   A 1 2  ? -6.695  4.719   6.555   1.00 14.95 ? 2   C   A "C1'" 1 
ATOM   33  N  N1    . C   A 1 2  ? -6.743  4.011   5.268   1.00 13.00 ? 2   C   A N1    1 
ATOM   34  C  C2    . C   A 1 2  ? -7.297  2.742   5.282   1.00 16.38 ? 2   C   A C2    1 
ATOM   35  O  O2    . C   A 1 2  ? -7.611  2.231   6.375   1.00 15.92 ? 2   C   A O2    1 
ATOM   36  N  N3    . C   A 1 2  ? -7.440  2.064   4.135   1.00 11.77 ? 2   C   A N3    1 
ATOM   37  C  C4    . C   A 1 2  ? -7.113  2.658   2.962   1.00 12.89 ? 2   C   A C4    1 
ATOM   38  N  N4    . C   A 1 2  ? -7.349  1.977   1.843   1.00 14.23 ? 2   C   A N4    1 
ATOM   39  C  C5    . C   A 1 2  ? -6.629  3.996   2.927   1.00 15.20 ? 2   C   A C5    1 
ATOM   40  C  C6    . C   A 1 2  ? -6.377  4.609   4.091   1.00 14.35 ? 2   C   A C6    1 
ATOM   41  P  P     . G   A 1 3  ? -2.093  4.526   7.590   1.00 18.81 ? 3   G   A P     1 
ATOM   42  O  OP1   . G   A 1 3  ? -1.140  4.998   8.614   1.00 21.40 ? 3   G   A OP1   1 
ATOM   43  O  OP2   . G   A 1 3  ? -1.668  4.540   6.160   1.00 19.61 ? 3   G   A OP2   1 
ATOM   44  O  "O5'" . G   A 1 3  ? -2.630  3.076   7.924   1.00 16.45 ? 3   G   A "O5'" 1 
ATOM   45  C  "C5'" . G   A 1 3  ? -2.977  2.754   9.297   1.00 15.51 ? 3   G   A "C5'" 1 
ATOM   46  C  "C4'" . G   A 1 3  ? -3.417  1.324   9.410   1.00 12.63 ? 3   G   A "C4'" 1 
ATOM   47  O  "O4'" . G   A 1 3  ? -4.640  1.073   8.631   1.00 15.55 ? 3   G   A "O4'" 1 
ATOM   48  C  "C3'" . G   A 1 3  ? -2.417  0.344   8.771   1.00 15.01 ? 3   G   A "C3'" 1 
ATOM   49  O  "O3'" . G   A 1 3  ? -1.363  0.085   9.686   1.00 16.66 ? 3   G   A "O3'" 1 
ATOM   50  C  "C2'" . G   A 1 3  ? -3.319  -0.861  8.608   1.00 16.57 ? 3   G   A "C2'" 1 
ATOM   51  O  "O2'" . G   A 1 3  ? -3.618  -1.488  9.855   1.00 17.71 ? 3   G   A "O2'" 1 
ATOM   52  C  "C1'" . G   A 1 3  ? -4.597  -0.224  8.075   1.00 15.09 ? 3   G   A "C1'" 1 
ATOM   53  N  N9    . G   A 1 3  ? -4.562  -0.151  6.615   1.00 13.59 ? 3   G   A N9    1 
ATOM   54  C  C8    . G   A 1 3  ? -4.375  0.932   5.815   1.00 13.26 ? 3   G   A C8    1 
ATOM   55  N  N7    . G   A 1 3  ? -4.639  0.694   4.552   1.00 12.91 ? 3   G   A N7    1 
ATOM   56  C  C5    . G   A 1 3  ? -4.911  -0.668  4.508   1.00 9.86  ? 3   G   A C5    1 
ATOM   57  C  C6    . G   A 1 3  ? -5.253  -1.555  3.444   1.00 11.92 ? 3   G   A C6    1 
ATOM   58  O  O6    . G   A 1 3  ? -5.446  -1.310  2.251   1.00 12.26 ? 3   G   A O6    1 
ATOM   59  N  N1    . G   A 1 3  ? -5.439  -2.857  3.868   1.00 11.63 ? 3   G   A N1    1 
ATOM   60  C  C2    . G   A 1 3  ? -5.337  -3.298  5.169   1.00 14.20 ? 3   G   A C2    1 
ATOM   61  N  N2    . G   A 1 3  ? -5.564  -4.617  5.373   1.00 13.03 ? 3   G   A N2    1 
ATOM   62  N  N3    . G   A 1 3  ? -5.077  -2.480  6.159   1.00 14.33 ? 3   G   A N3    1 
ATOM   63  C  C4    . G   A 1 3  ? -4.855  -1.211  5.784   1.00 11.41 ? 3   G   A C4    1 
ATOM   64  P  P     . DT  A 1 4  ? 0.092   -0.330  9.142   1.00 16.16 ? 4   DT  A P     1 
ATOM   65  O  OP1   . DT  A 1 4  ? 0.997   -0.237  10.291  1.00 19.86 ? 4   DT  A OP1   1 
ATOM   66  O  OP2   . DT  A 1 4  ? 0.420   0.464   7.925   1.00 18.29 ? 4   DT  A OP2   1 
ATOM   67  O  "O5'" . DT  A 1 4  ? -0.079  -1.821  8.713   1.00 15.36 ? 4   DT  A "O5'" 1 
ATOM   68  C  "C5'" . DT  A 1 4  ? -0.276  -2.903  9.643   1.00 15.84 ? 4   DT  A "C5'" 1 
ATOM   69  C  "C4'" . DT  A 1 4  ? -0.528  -4.192  8.918   1.00 16.01 ? 4   DT  A "C4'" 1 
ATOM   70  O  "O4'" . DT  A 1 4  ? -1.764  -4.122  8.154   1.00 16.71 ? 4   DT  A "O4'" 1 
ATOM   71  C  "C3'" . DT  A 1 4  ? 0.522   -4.489  7.809   1.00 14.80 ? 4   DT  A "C3'" 1 
ATOM   72  O  "O3'" . DT  A 1 4  ? 1.659   -5.117  8.460   1.00 19.30 ? 4   DT  A "O3'" 1 
ATOM   73  C  "C2'" . DT  A 1 4  ? -0.237  -5.575  7.048   1.00 14.04 ? 4   DT  A "C2'" 1 
ATOM   74  C  "C1'" . DT  A 1 4  ? -1.649  -4.976  7.004   1.00 14.74 ? 4   DT  A "C1'" 1 
ATOM   75  N  N1    . DT  A 1 4  ? -1.734  -4.082  5.814   1.00 12.88 ? 4   DT  A N1    1 
ATOM   76  C  C2    . DT  A 1 4  ? -2.091  -4.714  4.669   1.00 15.65 ? 4   DT  A C2    1 
ATOM   77  O  O2    . DT  A 1 4  ? -2.308  -5.909  4.595   1.00 16.39 ? 4   DT  A O2    1 
ATOM   78  N  N3    . DT  A 1 4  ? -2.256  -3.892  3.578   1.00 15.19 ? 4   DT  A N3    1 
ATOM   79  C  C4    . DT  A 1 4  ? -2.017  -2.535  3.562   1.00 14.77 ? 4   DT  A C4    1 
ATOM   80  O  O4    . DT  A 1 4  ? -2.104  -1.924  2.492   1.00 14.74 ? 4   DT  A O4    1 
ATOM   81  C  C5    . DT  A 1 4  ? -1.604  -1.950  4.802   1.00 11.35 ? 4   DT  A C5    1 
ATOM   82  C  C7    . DT  A 1 4  ? -1.220  -0.496  4.788   1.00 14.08 ? 4   DT  A C7    1 
ATOM   83  C  C6    . DT  A 1 4  ? -1.497  -2.737  5.880   1.00 11.66 ? 4   DT  A C6    1 
ATOM   84  P  P     . DA  A 1 5  ? 3.099   -4.826  7.779   1.00 18.86 ? 5   DA  A P     1 
ATOM   85  O  OP1   . DA  A 1 5  ? 4.085   -5.398  8.754   1.00 22.29 ? 5   DA  A OP1   1 
ATOM   86  O  OP2   . DA  A 1 5  ? 3.180   -3.408  7.460   1.00 18.30 ? 5   DA  A OP2   1 
ATOM   87  O  "O5'" . DA  A 1 5  ? 3.021   -5.749  6.513   1.00 17.21 ? 5   DA  A "O5'" 1 
ATOM   88  C  "C5'" . DA  A 1 5  ? 3.071   -7.167  6.639   1.00 16.65 ? 5   DA  A "C5'" 1 
ATOM   89  C  "C4'" . DA  A 1 5  ? 2.669   -7.851  5.360   1.00 19.89 ? 5   DA  A "C4'" 1 
ATOM   90  O  "O4'" . DA  A 1 5  ? 1.398   -7.357  4.878   1.00 16.70 ? 5   DA  A "O4'" 1 
ATOM   91  C  "C3'" . DA  A 1 5  ? 3.612   -7.558  4.189   1.00 21.96 ? 5   DA  A "C3'" 1 
ATOM   92  O  "O3'" . DA  A 1 5  ? 4.786   -8.390  4.286   1.00 20.07 ? 5   DA  A "O3'" 1 
ATOM   93  C  "C2'" . DA  A 1 5  ? 2.728   -7.966  3.027   1.00 16.31 ? 5   DA  A "C2'" 1 
ATOM   94  C  "C1'" . DA  A 1 5  ? 1.370   -7.432  3.460   1.00 19.43 ? 5   DA  A "C1'" 1 
ATOM   95  N  N9    . DA  A 1 5  ? 1.106   -6.073  2.979   1.00 15.21 ? 5   DA  A N9    1 
ATOM   96  C  C8    . DA  A 1 5  ? 1.401   -4.883  3.586   1.00 13.59 ? 5   DA  A C8    1 
ATOM   97  N  N7    . DA  A 1 5  ? 1.011   -3.854  2.881   1.00 14.71 ? 5   DA  A N7    1 
ATOM   98  C  C5    . DA  A 1 5  ? 0.556   -4.398  1.690   1.00 11.81 ? 5   DA  A C5    1 
ATOM   99  C  C6    . DA  A 1 5  ? 0.105   -3.814  0.469   1.00 15.65 ? 5   DA  A C6    1 
ATOM   100 N  N6    . DA  A 1 5  ? -0.036  -2.490  0.260   1.00 13.38 ? 5   DA  A N6    1 
ATOM   101 N  N1    . DA  A 1 5  ? -0.256  -4.682  -0.494  1.00 12.14 ? 5   DA  A N1    1 
ATOM   102 C  C2    . DA  A 1 5  ? -0.183  -5.990  -0.333  1.00 12.38 ? 5   DA  A C2    1 
ATOM   103 N  N3    . DA  A 1 5  ? 0.249   -6.642  0.766   1.00 16.16 ? 5   DA  A N3    1 
ATOM   104 C  C4    . DA  A 1 5  ? 0.620   -5.776  1.713   1.00 16.31 ? 5   DA  A C4    1 
ATOM   105 P  P     . DT  A 1 6  ? 6.153   -7.788  3.656   1.00 22.46 ? 6   DT  A P     1 
ATOM   106 O  OP1   . DT  A 1 6  ? 7.160   -8.865  4.003   1.00 25.06 ? 6   DT  A OP1   1 
ATOM   107 O  OP2   . DT  A 1 6  ? 6.399   -6.402  4.016   1.00 21.41 ? 6   DT  A OP2   1 
ATOM   108 O  "O5'" . DT  A 1 6  ? 5.925   -7.883  2.083   1.00 20.32 ? 6   DT  A "O5'" 1 
ATOM   109 C  "C5'" . DT  A 1 6  ? 5.554   -9.088  1.422   1.00 16.13 ? 6   DT  A "C5'" 1 
ATOM   110 C  "C4'" . DT  A 1 6  ? 5.183   -8.926  -0.016  1.00 18.23 ? 6   DT  A "C4'" 1 
ATOM   111 O  "O4'" . DT  A 1 6  ? 3.907   -8.223  -0.075  1.00 18.06 ? 6   DT  A "O4'" 1 
ATOM   112 C  "C3'" . DT  A 1 6  ? 6.112   -8.014  -0.826  1.00 16.84 ? 6   DT  A "C3'" 1 
ATOM   113 O  "O3'" . DT  A 1 6  ? 7.199   -8.820  -1.330  1.00 21.26 ? 6   DT  A "O3'" 1 
ATOM   114 C  "C2'" . DT  A 1 6  ? 5.195   -7.666  -1.996  1.00 15.77 ? 6   DT  A "C2'" 1 
ATOM   115 C  "C1'" . DT  A 1 6  ? 3.882   -7.401  -1.238  1.00 16.42 ? 6   DT  A "C1'" 1 
ATOM   116 N  N1    . DT  A 1 6  ? 3.750   -5.995  -0.788  1.00 14.06 ? 6   DT  A N1    1 
ATOM   117 C  C2    . DT  A 1 6  ? 3.146   -5.124  -1.646  1.00 14.19 ? 6   DT  A C2    1 
ATOM   118 O  O2    . DT  A 1 6  ? 2.729   -5.468  -2.743  1.00 16.03 ? 6   DT  A O2    1 
ATOM   119 N  N3    . DT  A 1 6  ? 3.051   -3.828  -1.196  1.00 13.80 ? 6   DT  A N3    1 
ATOM   120 C  C4    . DT  A 1 6  ? 3.446   -3.330  0.018   1.00 12.27 ? 6   DT  A C4    1 
ATOM   121 O  O4    . DT  A 1 6  ? 3.293   -2.129  0.266   1.00 13.87 ? 6   DT  A O4    1 
ATOM   122 C  C5    . DT  A 1 6  ? 4.052   -4.314  0.882   1.00 14.15 ? 6   DT  A C5    1 
ATOM   123 C  C7    . DT  A 1 6  ? 4.610   -3.864  2.202   1.00 18.82 ? 6   DT  A C7    1 
ATOM   124 C  C6    . DT  A 1 6  ? 4.259   -5.556  0.417   1.00 14.90 ? 6   DT  A C6    1 
ATOM   125 P  P     . DA  A 1 7  ? 8.638   -8.163  -1.441  1.00 21.71 ? 7   DA  A P     1 
ATOM   126 O  OP1   . DA  A 1 7  ? 9.631   -9.285  -1.583  1.00 26.74 ? 7   DA  A OP1   1 
ATOM   127 O  OP2   . DA  A 1 7  ? 8.896   -7.165  -0.398  1.00 19.40 ? 7   DA  A OP2   1 
ATOM   128 O  "O5'" . DA  A 1 7  ? 8.608   -7.439  -2.870  1.00 18.31 ? 7   DA  A "O5'" 1 
ATOM   129 C  "C5'" . DA  A 1 7  ? 8.402   -8.170  -4.080  1.00 17.77 ? 7   DA  A "C5'" 1 
ATOM   130 C  "C4'" . DA  A 1 7  ? 7.991   -7.266  -5.227  1.00 13.80 ? 7   DA  A "C4'" 1 
ATOM   131 O  "O4'" . DA  A 1 7  ? 6.670   -6.730  -4.993  1.00 15.67 ? 7   DA  A "O4'" 1 
ATOM   132 C  "C3'" . DA  A 1 7  ? 8.850   -6.053  -5.494  1.00 16.76 ? 7   DA  A "C3'" 1 
ATOM   133 O  "O3'" . DA  A 1 7  ? 10.002  -6.366  -6.287  1.00 18.03 ? 7   DA  A "O3'" 1 
ATOM   134 C  "C2'" . DA  A 1 7  ? 7.895   -5.197  -6.299  1.00 16.51 ? 7   DA  A "C2'" 1 
ATOM   135 C  "C1'" . DA  A 1 7  ? 6.539   -5.450  -5.609  1.00 14.87 ? 7   DA  A "C1'" 1 
ATOM   136 N  N9    . DA  A 1 7  ? 6.390   -4.479  -4.514  1.00 15.78 ? 7   DA  A N9    1 
ATOM   137 C  C8    . DA  A 1 7  ? 6.761   -4.530  -3.189  1.00 17.01 ? 7   DA  A C8    1 
ATOM   138 N  N7    . DA  A 1 7  ? 6.321   -3.508  -2.457  1.00 17.73 ? 7   DA  A N7    1 
ATOM   139 C  C5    . DA  A 1 7  ? 5.725   -2.701  -3.418  1.00 12.38 ? 7   DA  A C5    1 
ATOM   140 C  C6    . DA  A 1 7  ? 5.040   -1.472  -3.299  1.00 12.70 ? 7   DA  A C6    1 
ATOM   141 N  N6    . DA  A 1 7  ? 4.887   -0.709  -2.240  1.00 14.80 ? 7   DA  A N6    1 
ATOM   142 N  N1    . DA  A 1 7  ? 4.660   -0.917  -4.482  1.00 13.41 ? 7   DA  A N1    1 
ATOM   143 C  C2    . DA  A 1 7  ? 4.814   -1.555  -5.656  1.00 14.72 ? 7   DA  A C2    1 
ATOM   144 N  N3    . DA  A 1 7  ? 5.392   -2.742  -5.851  1.00 13.54 ? 7   DA  A N3    1 
ATOM   145 C  C4    . DA  A 1 7  ? 5.785   -3.236  -4.671  1.00 15.39 ? 7   DA  A C4    1 
ATOM   146 P  P     . DC  A 1 8  ? 11.402  -5.610  -6.149  1.00 17.83 ? 8   DC  A P     1 
ATOM   147 O  OP1   . DC  A 1 8  ? 12.395  -6.459  -6.838  1.00 21.53 ? 8   DC  A OP1   1 
ATOM   148 O  OP2   . DC  A 1 8  ? 11.671  -5.179  -4.768  1.00 20.09 ? 8   DC  A OP2   1 
ATOM   149 O  "O5'" . DC  A 1 8  ? 11.127  -4.273  -6.998  1.00 15.15 ? 8   DC  A "O5'" 1 
ATOM   150 C  "C5'" . DC  A 1 8  ? 10.932  -4.381  -8.428  1.00 13.97 ? 8   DC  A "C5'" 1 
ATOM   151 C  "C4'" . DC  A 1 8  ? 10.297  -3.120  -8.953  1.00 13.27 ? 8   DC  A "C4'" 1 
ATOM   152 O  "O4'" . DC  A 1 8  ? 9.045   -2.890  -8.249  1.00 12.26 ? 8   DC  A "O4'" 1 
ATOM   153 C  "C3'" . DC  A 1 8  ? 11.048  -1.807  -8.670  1.00 12.07 ? 8   DC  A "C3'" 1 
ATOM   154 O  "O3'" . DC  A 1 8  ? 12.055  -1.708  -9.686  1.00 14.24 ? 8   DC  A "O3'" 1 
ATOM   155 C  "C2'" . DC  A 1 8  ? 9.942   -0.803  -8.853  1.00 11.27 ? 8   DC  A "C2'" 1 
ATOM   156 C  "C1'" . DC  A 1 8  ? 8.773   -1.492  -8.147  1.00 13.75 ? 8   DC  A "C1'" 1 
ATOM   157 N  N1    . DC  A 1 8  ? 8.756   -1.120  -6.711  1.00 11.75 ? 8   DC  A N1    1 
ATOM   158 C  C2    . DC  A 1 8  ? 8.007   0.025   -6.420  1.00 12.97 ? 8   DC  A C2    1 
ATOM   159 O  O2    . DC  A 1 8  ? 7.538   0.675   -7.366  1.00 12.97 ? 8   DC  A O2    1 
ATOM   160 N  N3    . DC  A 1 8  ? 7.883   0.368   -5.119  1.00 12.19 ? 8   DC  A N3    1 
ATOM   161 C  C4    . DC  A 1 8  ? 8.414   -0.362  -4.145  1.00 12.94 ? 8   DC  A C4    1 
ATOM   162 N  N4    . DC  A 1 8  ? 8.128   0.002   -2.893  1.00 13.69 ? 8   DC  A N4    1 
ATOM   163 C  C5    . DC  A 1 8  ? 9.145   -1.541  -4.431  1.00 11.72 ? 8   DC  A C5    1 
ATOM   164 C  C6    . DC  A 1 8  ? 9.332   -1.866  -5.732  1.00 12.02 ? 8   DC  A C6    1 
ATOM   165 P  P     . DG  A 1 9  ? 13.420  -0.862  -9.492  1.00 16.49 ? 9   DG  A P     1 
ATOM   166 O  OP1   . DG  A 1 9  ? 14.103  -0.928  -10.791 1.00 19.43 ? 9   DG  A OP1   1 
ATOM   167 O  OP2   . DG  A 1 9  ? 14.051  -1.361  -8.263  1.00 19.20 ? 9   DG  A OP2   1 
ATOM   168 O  "O5'" . DG  A 1 9  ? 12.939  0.626   -9.303  1.00 15.38 ? 9   DG  A "O5'" 1 
ATOM   169 C  "C5'" . DG  A 1 9  ? 12.654  1.424   -10.456 1.00 15.12 ? 9   DG  A "C5'" 1 
ATOM   170 C  "C4'" . DG  A 1 9  ? 12.102  2.755   -10.012 1.00 15.93 ? 9   DG  A "C4'" 1 
ATOM   171 O  "O4'" . DG  A 1 9  ? 10.884  2.580   -9.255  1.00 12.05 ? 9   DG  A "O4'" 1 
ATOM   172 C  "C3'" . DG  A 1 9  ? 12.981  3.581   -9.068  1.00 12.41 ? 9   DG  A "C3'" 1 
ATOM   173 O  "O3'" . DG  A 1 9  ? 13.962  4.265   -9.871  1.00 18.38 ? 9   DG  A "O3'" 1 
ATOM   174 C  "C2'" . DG  A 1 9  ? 11.926  4.570   -8.563  1.00 12.11 ? 9   DG  A "C2'" 1 
ATOM   175 C  "C1'" . DG  A 1 9  ? 10.709  3.683   -8.366  1.00 13.37 ? 9   DG  A "C1'" 1 
ATOM   176 N  N9    . DG  A 1 9  ? 10.636  3.141   -7.025  1.00 13.22 ? 9   DG  A N9    1 
ATOM   177 C  C8    . DG  A 1 9  ? 11.083  1.941   -6.557  1.00 15.01 ? 9   DG  A C8    1 
ATOM   178 N  N7    . DG  A 1 9  ? 10.898  1.780   -5.280  1.00 14.23 ? 9   DG  A N7    1 
ATOM   179 C  C5    . DG  A 1 9  ? 10.457  3.016   -4.844  1.00 12.85 ? 9   DG  A C5    1 
ATOM   180 C  C6    . DG  A 1 9  ? 10.052  3.457   -3.560  1.00 12.13 ? 9   DG  A C6    1 
ATOM   181 O  O6    . DG  A 1 9  ? 10.074  2.816   -2.516  1.00 15.25 ? 9   DG  A O6    1 
ATOM   182 N  N1    . DG  A 1 9  ? 9.646   4.796   -3.547  1.00 14.39 ? 9   DG  A N1    1 
ATOM   183 C  C2    . DG  A 1 9  ? 9.581   5.578   -4.676  1.00 14.82 ? 9   DG  A C2    1 
ATOM   184 N  N2    . DG  A 1 9  ? 9.165   6.842   -4.539  1.00 17.07 ? 9   DG  A N2    1 
ATOM   185 N  N3    . DG  A 1 9  ? 9.886   5.161   -5.905  1.00 12.64 ? 9   DG  A N3    1 
ATOM   186 C  C4    . DG  A 1 9  ? 10.265  3.881   -5.907  1.00 12.15 ? 9   DG  A C4    1 
ATOM   187 P  P     . DC  A 1 10 ? 15.303  4.821   -9.170  1.00 16.53 ? 10  DC  A P     1 
ATOM   188 O  OP1   . DC  A 1 10 ? 16.058  5.574   -10.224 1.00 16.83 ? 10  DC  A OP1   1 
ATOM   189 O  OP2   . DC  A 1 10 ? 15.977  3.756   -8.400  1.00 16.90 ? 10  DC  A OP2   1 
ATOM   190 O  "O5'" . DC  A 1 10 ? 14.779  5.870   -8.086  1.00 14.14 ? 10  DC  A "O5'" 1 
ATOM   191 C  "C5'" . DC  A 1 10 ? 14.248  7.121   -8.540  1.00 14.48 ? 10  DC  A "C5'" 1 
ATOM   192 C  "C4'" . DC  A 1 10 ? 14.012  8.025   -7.355  1.00 16.15 ? 10  DC  A "C4'" 1 
ATOM   193 O  "O4'" . DC  A 1 10 ? 13.000  7.396   -6.549  1.00 13.55 ? 10  DC  A "O4'" 1 
ATOM   194 C  "C3'" . DC  A 1 10 ? 15.163  8.125   -6.338  1.00 12.60 ? 10  DC  A "C3'" 1 
ATOM   195 O  "O3'" . DC  A 1 10 ? 16.149  9.070   -6.761  1.00 13.85 ? 10  DC  A "O3'" 1 
ATOM   196 C  "C2'" . DC  A 1 10 ? 14.422  8.555   -5.104  1.00 13.89 ? 10  DC  A "C2'" 1 
ATOM   197 C  "C1'" . DC  A 1 10 ? 13.139  7.731   -5.202  1.00 13.44 ? 10  DC  A "C1'" 1 
ATOM   198 N  N1    . DC  A 1 10 ? 13.095  6.544   -4.357  1.00 17.22 ? 10  DC  A N1    1 
ATOM   199 C  C2    . DC  A 1 10 ? 12.716  6.726   -3.027  1.00 15.72 ? 10  DC  A C2    1 
ATOM   200 O  O2    . DC  A 1 10 ? 12.337  7.847   -2.653  1.00 14.78 ? 10  DC  A O2    1 
ATOM   201 N  N3    . DC  A 1 10 ? 12.766  5.646   -2.214  1.00 15.50 ? 10  DC  A N3    1 
ATOM   202 C  C4    . DC  A 1 10 ? 13.273  4.504   -2.693  1.00 16.19 ? 10  DC  A C4    1 
ATOM   203 N  N4    . DC  A 1 10 ? 13.247  3.385   -1.939  1.00 22.46 ? 10  DC  A N4    1 
ATOM   204 C  C5    . DC  A 1 10 ? 13.599  4.304   -4.063  1.00 14.98 ? 10  DC  A C5    1 
ATOM   205 C  C6    . DC  A 1 10 ? 13.570  5.355   -4.878  1.00 17.49 ? 10  DC  A C6    1 
ATOM   206 O  "O5'" . G   B 1 1  ? 7.989   4.882   6.935   1.00 30.09 ? 11  G   B "O5'" 1 
ATOM   207 C  "C5'" . G   B 1 1  ? 7.999   6.112   7.695   1.00 23.55 ? 11  G   B "C5'" 1 
ATOM   208 C  "C4'" . G   B 1 1  ? 8.592   7.207   6.845   1.00 21.18 ? 11  G   B "C4'" 1 
ATOM   209 O  "O4'" . G   B 1 1  ? 9.956   6.918   6.463   1.00 22.49 ? 11  G   B "O4'" 1 
ATOM   210 C  "C3'" . G   B 1 1  ? 7.875   7.433   5.525   1.00 20.42 ? 11  G   B "C3'" 1 
ATOM   211 O  "O3'" . G   B 1 1  ? 6.700   8.221   5.689   1.00 22.42 ? 11  G   B "O3'" 1 
ATOM   212 C  "C2'" . G   B 1 1  ? 8.944   8.158   4.717   1.00 23.19 ? 11  G   B "C2'" 1 
ATOM   213 O  "O2'" . G   B 1 1  ? 9.039   9.515   5.101   1.00 27.51 ? 11  G   B "O2'" 1 
ATOM   214 C  "C1'" . G   B 1 1  ? 10.187  7.396   5.143   1.00 28.19 ? 11  G   B "C1'" 1 
ATOM   215 N  N9    . G   B 1 1  ? 10.527  6.253   4.308   1.00 23.48 ? 11  G   B N9    1 
ATOM   216 C  C8    . G   B 1 1  ? 10.743  4.934   4.674   1.00 20.64 ? 11  G   B C8    1 
ATOM   217 N  N7    . G   B 1 1  ? 11.237  4.204   3.725   1.00 21.18 ? 11  G   B N7    1 
ATOM   218 C  C5    . G   B 1 1  ? 11.252  5.048   2.619   1.00 21.16 ? 11  G   B C5    1 
ATOM   219 C  C6    . G   B 1 1  ? 11.815  4.877   1.331   1.00 21.94 ? 11  G   B C6    1 
ATOM   220 O  O6    . G   B 1 1  ? 12.313  3.839   0.893   1.00 20.73 ? 11  G   B O6    1 
ATOM   221 N  N1    . G   B 1 1  ? 11.747  6.035   0.539   1.00 15.11 ? 11  G   B N1    1 
ATOM   222 C  C2    . G   B 1 1  ? 11.267  7.260   0.982   1.00 15.97 ? 11  G   B C2    1 
ATOM   223 N  N2    . G   B 1 1  ? 11.285  8.247   0.071   1.00 17.19 ? 11  G   B N2    1 
ATOM   224 N  N3    . G   B 1 1  ? 10.820  7.454   2.218   1.00 17.79 ? 11  G   B N3    1 
ATOM   225 C  C4    . G   B 1 1  ? 10.843  6.318   2.961   1.00 18.67 ? 11  G   B C4    1 
ATOM   226 P  P     . C   B 1 2  ? 5.410   8.043   4.788   1.00 20.80 ? 12  C   B P     1 
ATOM   227 O  OP1   . C   B 1 2  ? 4.346   8.944   5.312   1.00 32.19 ? 12  C   B OP1   1 
ATOM   228 O  OP2   . C   B 1 2  ? 5.180   6.583   4.650   1.00 23.75 ? 12  C   B OP2   1 
ATOM   229 O  "O5'" . C   B 1 2  ? 5.814   8.623   3.375   1.00 22.18 ? 12  C   B "O5'" 1 
ATOM   230 C  "C5'" . C   B 1 2  ? 6.049   10.036  3.201   1.00 24.06 ? 12  C   B "C5'" 1 
ATOM   231 C  "C4'" . C   B 1 2  ? 6.420   10.275  1.760   1.00 17.98 ? 12  C   B "C4'" 1 
ATOM   232 O  "O4'" . C   B 1 2  ? 7.700   9.639   1.484   1.00 19.68 ? 12  C   B "O4'" 1 
ATOM   233 C  "C3'" . C   B 1 2  ? 5.465   9.644   0.753   1.00 17.18 ? 12  C   B "C3'" 1 
ATOM   234 O  "O3'" . C   B 1 2  ? 4.267   10.362  0.516   1.00 19.66 ? 12  C   B "O3'" 1 
ATOM   235 C  "C2'" . C   B 1 2  ? 6.369   9.651   -0.472  1.00 23.52 ? 12  C   B "C2'" 1 
ATOM   236 O  "O2'" . C   B 1 2  ? 6.487   10.932  -1.080  1.00 22.74 ? 12  C   B "O2'" 1 
ATOM   237 C  "C1'" . C   B 1 2  ? 7.701   9.236   0.110   1.00 18.53 ? 12  C   B "C1'" 1 
ATOM   238 N  N1    . C   B 1 2  ? 8.016   7.807   0.064   1.00 18.35 ? 12  C   B N1    1 
ATOM   239 C  C2    . C   B 1 2  ? 8.515   7.216   -1.118  1.00 13.57 ? 12  C   B C2    1 
ATOM   240 O  O2    . C   B 1 2  ? 8.688   7.977   -2.062  1.00 15.42 ? 12  C   B O2    1 
ATOM   241 N  N3    . C   B 1 2  ? 8.767   5.888   -1.139  1.00 17.96 ? 12  C   B N3    1 
ATOM   242 C  C4    . C   B 1 2  ? 8.500   5.121   -0.078  1.00 18.48 ? 12  C   B C4    1 
ATOM   243 N  N4    . C   B 1 2  ? 8.832   3.828   -0.093  1.00 21.98 ? 12  C   B N4    1 
ATOM   244 C  C5    . C   B 1 2  ? 8.020   5.676   1.154   1.00 20.16 ? 12  C   B C5    1 
ATOM   245 C  C6    . C   B 1 2  ? 7.859   7.001   1.136   1.00 18.89 ? 12  C   B C6    1 
ATOM   246 P  P     . G   B 1 3  ? 2.988   9.561   -0.021  1.00 19.07 ? 13  G   B P     1 
ATOM   247 O  OP1   . G   B 1 3  ? 1.885   10.514  -0.161  1.00 26.46 ? 13  G   B OP1   1 
ATOM   248 O  OP2   . G   B 1 3  ? 2.906   8.265   0.690   1.00 19.83 ? 13  G   B OP2   1 
ATOM   249 O  "O5'" . G   B 1 3  ? 3.400   9.112   -1.504  1.00 16.41 ? 13  G   B "O5'" 1 
ATOM   250 C  "C5'" . G   B 1 3  ? 3.440   10.117  -2.544  1.00 16.88 ? 13  G   B "C5'" 1 
ATOM   251 C  "C4'" . G   B 1 3  ? 4.044   9.533   -3.781  1.00 14.12 ? 13  G   B "C4'" 1 
ATOM   252 O  "O4'" . G   B 1 3  ? 5.317   8.923   -3.604  1.00 16.34 ? 13  G   B "O4'" 1 
ATOM   253 C  "C3'" . G   B 1 3  ? 3.186   8.456   -4.435  1.00 16.60 ? 13  G   B "C3'" 1 
ATOM   254 O  "O3'" . G   B 1 3  ? 2.037   8.964   -5.051  1.00 16.64 ? 13  G   B "O3'" 1 
ATOM   255 C  "C2'" . G   B 1 3  ? 4.183   7.812   -5.356  1.00 15.54 ? 13  G   B "C2'" 1 
ATOM   256 O  "O2'" . G   B 1 3  ? 4.389   8.542   -6.566  1.00 15.45 ? 13  G   B "O2'" 1 
ATOM   257 C  "C1'" . G   B 1 3  ? 5.434   7.810   -4.492  1.00 16.46 ? 13  G   B "C1'" 1 
ATOM   258 N  N9    . G   B 1 3  ? 5.503   6.597   -3.666  1.00 15.26 ? 13  G   B N9    1 
ATOM   259 C  C8    . G   B 1 3  ? 5.247   6.430   -2.332  1.00 15.11 ? 13  G   B C8    1 
ATOM   260 N  N7    . G   B 1 3  ? 5.546   5.224   -1.941  1.00 14.84 ? 13  G   B N7    1 
ATOM   261 C  C5    . G   B 1 3  ? 6.045   4.549   -3.049  1.00 14.72 ? 13  G   B C5    1 
ATOM   262 C  C6    . G   B 1 3  ? 6.460   3.206   -3.225  1.00 14.36 ? 13  G   B C6    1 
ATOM   263 O  O6    . G   B 1 3  ? 6.632   2.278   -2.434  1.00 16.68 ? 13  G   B O6    1 
ATOM   264 N  N1    . G   B 1 3  ? 6.765   2.943   -4.553  1.00 12.22 ? 13  G   B N1    1 
ATOM   265 C  C2    . G   B 1 3  ? 6.666   3.834   -5.570  1.00 12.89 ? 13  G   B C2    1 
ATOM   266 N  N2    . G   B 1 3  ? 7.020   3.367   -6.806  1.00 12.33 ? 13  G   B N2    1 
ATOM   267 N  N3    . G   B 1 3  ? 6.370   5.098   -5.412  1.00 13.13 ? 13  G   B N3    1 
ATOM   268 C  C4    . G   B 1 3  ? 5.989   5.390   -4.148  1.00 13.99 ? 13  G   B C4    1 
ATOM   269 P  P     . DT  B 1 4  ? 0.699   8.113   -5.108  1.00 16.52 ? 14  DT  B P     1 
ATOM   270 O  OP1   . DT  B 1 4  ? -0.334  8.919   -5.797  1.00 21.13 ? 14  DT  B OP1   1 
ATOM   271 O  OP2   . DT  B 1 4  ? 0.419   7.507   -3.778  1.00 17.11 ? 14  DT  B OP2   1 
ATOM   272 O  "O5'" . DT  B 1 4  ? 1.038   6.880   -6.072  1.00 16.69 ? 14  DT  B "O5'" 1 
ATOM   273 C  "C5'" . DT  B 1 4  ? 1.392   7.144   -7.460  1.00 15.43 ? 14  DT  B "C5'" 1 
ATOM   274 C  "C4'" . DT  B 1 4  ? 1.897   5.868   -8.062  1.00 14.64 ? 14  DT  B "C4'" 1 
ATOM   275 O  "O4'" . DT  B 1 4  ? 3.161   5.409   -7.520  1.00 15.12 ? 14  DT  B "O4'" 1 
ATOM   276 C  "C3'" . DT  B 1 4  ? 0.980   4.647   -7.918  1.00 18.94 ? 14  DT  B "C3'" 1 
ATOM   277 O  "O3'" . DT  B 1 4  ? -0.073  4.787   -8.861  1.00 16.62 ? 14  DT  B "O3'" 1 
ATOM   278 C  "C2'" . DT  B 1 4  ? 1.972   3.553   -8.329  1.00 16.42 ? 14  DT  B "C2'" 1 
ATOM   279 C  "C1'" . DT  B 1 4  ? 3.178   3.986   -7.530  1.00 13.77 ? 14  DT  B "C1'" 1 
ATOM   280 N  N1    . DT  B 1 4  ? 3.182   3.509   -6.129  1.00 12.14 ? 14  DT  B N1    1 
ATOM   281 C  C2    . DT  B 1 4  ? 3.633   2.200   -5.977  1.00 12.98 ? 14  DT  B C2    1 
ATOM   282 O  O2    . DT  B 1 4  ? 3.983   1.543   -6.945  1.00 14.01 ? 14  DT  B O2    1 
ATOM   283 N  N3    . DT  B 1 4  ? 3.660   1.752   -4.680  1.00 13.25 ? 14  DT  B N3    1 
ATOM   284 C  C4    . DT  B 1 4  ? 3.281   2.445   -3.576  1.00 11.67 ? 14  DT  B C4    1 
ATOM   285 O  O4    . DT  B 1 4  ? 3.344   1.876   -2.476  1.00 16.36 ? 14  DT  B O4    1 
ATOM   286 C  C5    . DT  B 1 4  ? 2.816   3.777   -3.794  1.00 15.43 ? 14  DT  B C5    1 
ATOM   287 C  C7    . DT  B 1 4  ? 2.315   4.531   -2.607  1.00 17.01 ? 14  DT  B C7    1 
ATOM   288 C  C6    . DT  B 1 4  ? 2.808   4.266   -5.054  1.00 14.71 ? 14  DT  B C6    1 
ATOM   289 P  P     . DA  B 1 5  ? -1.525  4.221   -8.567  1.00 18.34 ? 15  DA  B P     1 
ATOM   290 O  OP1   . DA  B 1 5  ? -2.314  4.454   -9.811  1.00 18.95 ? 15  DA  B OP1   1 
ATOM   291 O  OP2   . DA  B 1 5  ? -1.963  4.599   -7.223  1.00 18.57 ? 15  DA  B OP2   1 
ATOM   292 O  "O5'" . DA  B 1 5  ? -1.336  2.611   -8.524  1.00 16.12 ? 15  DA  B "O5'" 1 
ATOM   293 C  "C5'" . DA  B 1 5  ? -1.131  1.899   -9.749  1.00 15.82 ? 15  DA  B "C5'" 1 
ATOM   294 C  "C4'" . DA  B 1 5  ? -0.650  0.490   -9.494  1.00 15.22 ? 15  DA  B "C4'" 1 
ATOM   295 O  "O4'" . DA  B 1 5  ? 0.518   0.521   -8.660  1.00 14.59 ? 15  DA  B "O4'" 1 
ATOM   296 C  "C3'" . DA  B 1 5  ? -1.653  -0.284  -8.617  1.00 15.51 ? 15  DA  B "C3'" 1 
ATOM   297 O  "O3'" . DA  B 1 5  ? -2.656  -0.747  -9.526  1.00 15.94 ? 15  DA  B "O3'" 1 
ATOM   298 C  "C2'" . DA  B 1 5  ? -0.743  -1.396  -8.122  1.00 15.84 ? 15  DA  B "C2'" 1 
ATOM   299 C  "C1'" . DA  B 1 5  ? 0.520   -0.617  -7.796  1.00 15.42 ? 15  DA  B "C1'" 1 
ATOM   300 N  N9    . DA  B 1 5  ? 0.679   -0.162  -6.424  1.00 12.37 ? 15  DA  B N9    1 
ATOM   301 C  C8    . DA  B 1 5  ? 0.373   1.039   -5.827  1.00 15.28 ? 15  DA  B C8    1 
ATOM   302 N  N7    . DA  B 1 5  ? 0.471   1.022   -4.514  1.00 14.41 ? 15  DA  B N7    1 
ATOM   303 C  C5    . DA  B 1 5  ? 0.969   -0.249  -4.217  1.00 11.07 ? 15  DA  B C5    1 
ATOM   304 C  C6    . DA  B 1 5  ? 1.365   -0.866  -3.004  1.00 12.17 ? 15  DA  B C6    1 
ATOM   305 N  N6    . DA  B 1 5  ? 1.241   -0.291  -1.818  1.00 13.38 ? 15  DA  B N6    1 
ATOM   306 N  N1    . DA  B 1 5  ? 1.713   -2.171  -3.049  1.00 12.19 ? 15  DA  B N1    1 
ATOM   307 C  C2    . DA  B 1 5  ? 1.767   -2.754  -4.267  1.00 11.28 ? 15  DA  B C2    1 
ATOM   308 N  N3    . DA  B 1 5  ? 1.469   -2.265  -5.490  1.00 13.50 ? 15  DA  B N3    1 
ATOM   309 C  C4    . DA  B 1 5  ? 0.963   -1.010  -5.354  1.00 13.26 ? 15  DA  B C4    1 
ATOM   310 P  P     . DT  B 1 6  ? -4.003  -1.367  -8.971  1.00 15.44 ? 16  DT  B P     1 
ATOM   311 O  OP1   . DT  B 1 6  ? -4.902  -1.513  -10.156 1.00 18.69 ? 16  DT  B OP1   1 
ATOM   312 O  OP2   . DT  B 1 6  ? -4.537  -0.620  -7.830  1.00 18.04 ? 16  DT  B OP2   1 
ATOM   313 O  "O5'" . DT  B 1 6  ? -3.603  -2.798  -8.404  1.00 13.58 ? 16  DT  B "O5'" 1 
ATOM   314 C  "C5'" . DT  B 1 6  ? -3.292  -3.920  -9.225  1.00 15.41 ? 16  DT  B "C5'" 1 
ATOM   315 C  "C4'" . DT  B 1 6  ? -2.937  -5.085  -8.326  1.00 13.21 ? 16  DT  B "C4'" 1 
ATOM   316 O  "O4'" . DT  B 1 6  ? -1.761  -4.771  -7.516  1.00 14.11 ? 16  DT  B "O4'" 1 
ATOM   317 C  "C3'" . DT  B 1 6  ? -3.965  -5.443  -7.254  1.00 16.64 ? 16  DT  B "C3'" 1 
ATOM   318 O  "O3'" . DT  B 1 6  ? -5.053  -6.146  -7.821  1.00 16.23 ? 16  DT  B "O3'" 1 
ATOM   319 C  "C2'" . DT  B 1 6  ? -3.122  -6.305  -6.310  1.00 16.33 ? 16  DT  B "C2'" 1 
ATOM   320 C  "C1'" . DT  B 1 6  ? -1.841  -5.479  -6.277  1.00 15.16 ? 16  DT  B "C1'" 1 
ATOM   321 N  N1    . DT  B 1 6  ? -1.838  -4.481  -5.182  1.00 12.10 ? 16  DT  B N1    1 
ATOM   322 C  C2    . DT  B 1 6  ? -1.359  -4.829  -3.942  1.00 14.45 ? 16  DT  B C2    1 
ATOM   323 O  O2    . DT  B 1 6  ? -0.964  -5.987  -3.740  1.00 15.41 ? 16  DT  B O2    1 
ATOM   324 N  N3    . DT  B 1 6  ? -1.310  -3.834  -2.996  1.00 12.19 ? 16  DT  B N3    1 
ATOM   325 C  C4    . DT  B 1 6  ? -1.768  -2.539  -3.139  1.00 12.18 ? 16  DT  B C4    1 
ATOM   326 O  O4    . DT  B 1 6  ? -1.662  -1.760  -2.179  1.00 12.72 ? 16  DT  B O4    1 
ATOM   327 C  C5    . DT  B 1 6  ? -2.270  -2.225  -4.453  1.00 12.75 ? 16  DT  B C5    1 
ATOM   328 C  C7    . DT  B 1 6  ? -2.815  -0.872  -4.760  1.00 13.53 ? 16  DT  B C7    1 
ATOM   329 C  C6    . DT  B 1 6  ? -2.285  -3.189  -5.398  1.00 15.00 ? 16  DT  B C6    1 
ATOM   330 P  P     . DA  B 1 7  ? -6.520  -6.107  -7.131  1.00 17.55 ? 17  DA  B P     1 
ATOM   331 O  OP1   . DA  B 1 7  ? -7.403  -6.869  -8.059  1.00 21.30 ? 17  DA  B OP1   1 
ATOM   332 O  OP2   . DA  B 1 7  ? -6.783  -4.691  -6.751  1.00 20.15 ? 17  DA  B OP2   1 
ATOM   333 O  "O5'" . DA  B 1 7  ? -6.310  -6.936  -5.812  1.00 16.30 ? 17  DA  B "O5'" 1 
ATOM   334 C  "C5'" . DA  B 1 7  ? -6.028  -8.355  -5.909  1.00 15.01 ? 17  DA  B "C5'" 1 
ATOM   335 C  "C4'" . DA  B 1 7  ? -5.765  -8.911  -4.538  1.00 18.26 ? 17  DA  B "C4'" 1 
ATOM   336 O  "O4'" . DA  B 1 7  ? -4.535  -8.344  -4.022  1.00 17.64 ? 17  DA  B "O4'" 1 
ATOM   337 C  "C3'" . DA  B 1 7  ? -6.786  -8.486  -3.462  1.00 17.11 ? 17  DA  B "C3'" 1 
ATOM   338 O  "O3'" . DA  B 1 7  ? -7.948  -9.313  -3.569  1.00 17.07 ? 17  DA  B "O3'" 1 
ATOM   339 C  "C2'" . DA  B 1 7  ? -5.983  -8.849  -2.237  1.00 15.64 ? 17  DA  B "C2'" 1 
ATOM   340 C  "C1'" . DA  B 1 7  ? -4.601  -8.300  -2.605  1.00 20.62 ? 17  DA  B "C1'" 1 
ATOM   341 N  N9    . DA  B 1 7  ? -4.418  -6.890  -2.209  1.00 16.95 ? 17  DA  B N9    1 
ATOM   342 C  C8    . DA  B 1 7  ? -4.785  -5.777  -2.915  1.00 13.87 ? 17  DA  B C8    1 
ATOM   343 N  N7    . DA  B 1 7  ? -4.393  -4.658  -2.328  1.00 14.75 ? 17  DA  B N7    1 
ATOM   344 C  C5    . DA  B 1 7  ? -4.076  -5.097  -1.025  1.00 13.90 ? 17  DA  B C5    1 
ATOM   345 C  C6    . DA  B 1 7  ? -3.504  -4.371  0.028   1.00 10.84 ? 17  DA  B C6    1 
ATOM   346 N  N6    . DA  B 1 7  ? -3.481  -3.039  0.099   1.00 14.70 ? 17  DA  B N6    1 
ATOM   347 N  N1    . DA  B 1 7  ? -3.131  -5.046  1.149   1.00 13.51 ? 17  DA  B N1    1 
ATOM   348 C  C2    . DA  B 1 7  ? -3.209  -6.375  1.068   1.00 14.95 ? 17  DA  B C2    1 
ATOM   349 N  N3    . DA  B 1 7  ? -3.614  -7.185  0.093   1.00 13.76 ? 17  DA  B N3    1 
ATOM   350 C  C4    . DA  B 1 7  ? -4.006  -6.471  -0.969  1.00 14.58 ? 17  DA  B C4    1 
ATOM   351 P  P     . DC  B 1 8  ? -9.348  -8.835  -2.953  1.00 18.24 ? 18  DC  B P     1 
ATOM   352 O  OP1   . DC  B 1 8  ? -10.376 -9.832  -3.385  1.00 22.29 ? 18  DC  B OP1   1 
ATOM   353 O  OP2   . DC  B 1 8  ? -9.529  -7.404  -3.331  1.00 19.76 ? 18  DC  B OP2   1 
ATOM   354 O  "O5'" . DC  B 1 8  ? -9.204  -8.926  -1.391  1.00 17.15 ? 18  DC  B "O5'" 1 
ATOM   355 C  "C5'" . DC  B 1 8  ? -9.052  -10.208 -0.723  1.00 16.25 ? 18  DC  B "C5'" 1 
ATOM   356 C  "C4'" . DC  B 1 8  ? -8.437  -10.045 0.655   1.00 16.53 ? 18  DC  B "C4'" 1 
ATOM   357 O  "O4'" . DC  B 1 8  ? -7.283  -9.169  0.589   1.00 15.00 ? 18  DC  B "O4'" 1 
ATOM   358 C  "C3'" . DC  B 1 8  ? -9.380  -9.239  1.575   1.00 16.77 ? 18  DC  B "C3'" 1 
ATOM   359 O  "O3'" . DC  B 1 8  ? -10.301 -10.216 2.084   1.00 18.63 ? 18  DC  B "O3'" 1 
ATOM   360 C  "C2'" . DC  B 1 8  ? -8.424  -8.690  2.606   1.00 16.97 ? 18  DC  B "C2'" 1 
ATOM   361 C  "C1'" . DC  B 1 8  ? -7.223  -8.341  1.745   1.00 14.71 ? 18  DC  B "C1'" 1 
ATOM   362 N  N1    . DC  B 1 8  ? -7.118  -6.933  1.353   1.00 13.87 ? 18  DC  B N1    1 
ATOM   363 C  C2    . DC  B 1 8  ? -6.503  -6.028  2.197   1.00 12.31 ? 18  DC  B C2    1 
ATOM   364 O  O2    . DC  B 1 8  ? -6.021  -6.426  3.281   1.00 16.62 ? 18  DC  B O2    1 
ATOM   365 N  N3    . DC  B 1 8  ? -6.434  -4.713  1.864   1.00 11.46 ? 18  DC  B N3    1 
ATOM   366 C  C4    . DC  B 1 8  ? -6.917  -4.324  0.694   1.00 12.00 ? 18  DC  B C4    1 
ATOM   367 N  N4    . DC  B 1 8  ? -6.855  -3.026  0.394   1.00 12.20 ? 18  DC  B N4    1 
ATOM   368 C  C5    . DC  B 1 8  ? -7.551  -5.233  -0.201  1.00 13.17 ? 18  DC  B C5    1 
ATOM   369 C  C6    . DC  B 1 8  ? -7.683  -6.532  0.172   1.00 16.76 ? 18  DC  B C6    1 
ATOM   370 P  P     . DG  B 1 9  ? -11.692 -9.735  2.713   1.00 19.72 ? 19  DG  B P     1 
ATOM   371 O  OP1   . DG  B 1 9  ? -12.369 -11.021 3.105   1.00 26.34 ? 19  DG  B OP1   1 
ATOM   372 O  OP2   . DG  B 1 9  ? -12.399 -8.870  1.773   1.00 21.89 ? 19  DG  B OP2   1 
ATOM   373 O  "O5'" . DG  B 1 9  ? -11.318 -8.978  4.048   1.00 20.95 ? 19  DG  B "O5'" 1 
ATOM   374 C  "C5'" . DG  B 1 9  ? -11.962 -7.750  4.489   1.00 19.73 ? 19  DG  B "C5'" 1 
ATOM   375 C  "C4'" . DG  B 1 9  ? -11.128 -7.125  5.592   1.00 15.92 ? 19  DG  B "C4'" 1 
ATOM   376 O  "O4'" . DG  B 1 9  ? -9.892  -6.671  4.946   1.00 13.14 ? 19  DG  B "O4'" 1 
ATOM   377 C  "C3'" . DG  B 1 9  ? -11.761 -5.800  6.090   1.00 19.49 ? 19  DG  B "C3'" 1 
ATOM   378 O  "O3'" . DG  B 1 9  ? -12.669 -6.092  7.163   1.00 17.09 ? 19  DG  B "O3'" 1 
ATOM   379 C  "C2'" . DG  B 1 9  ? -10.505 -5.118  6.620   1.00 15.94 ? 19  DG  B "C2'" 1 
ATOM   380 C  "C1'" . DG  B 1 9  ? -9.483  -5.444  5.534   1.00 14.79 ? 19  DG  B "C1'" 1 
ATOM   381 N  N9    . DG  B 1 9  ? -9.428  -4.462  4.451   1.00 12.47 ? 19  DG  B N9    1 
ATOM   382 C  C8    . DG  B 1 9  ? -9.757  -4.609  3.128   1.00 14.08 ? 19  DG  B C8    1 
ATOM   383 N  N7    . DG  B 1 9  ? -9.435  -3.611  2.370   1.00 16.26 ? 19  DG  B N7    1 
ATOM   384 C  C5    . DG  B 1 9  ? -9.085  -2.634  3.312   1.00 11.69 ? 19  DG  B C5    1 
ATOM   385 C  C6    . DG  B 1 9  ? -8.693  -1.281  3.075   1.00 11.10 ? 19  DG  B C6    1 
ATOM   386 O  O6    . DG  B 1 9  ? -8.649  -0.646  2.011   1.00 10.78 ? 19  DG  B O6    1 
ATOM   387 N  N1    . DG  B 1 9  ? -8.346  -0.676  4.283   1.00 11.32 ? 19  DG  B N1    1 
ATOM   388 C  C2    . DG  B 1 9  ? -8.345  -1.272  5.521   1.00 11.41 ? 19  DG  B C2    1 
ATOM   389 N  N2    . DG  B 1 9  ? -7.973  -0.522  6.585   1.00 12.78 ? 19  DG  B N2    1 
ATOM   390 N  N3    . DG  B 1 9  ? -8.635  -2.534  5.729   1.00 11.14 ? 19  DG  B N3    1 
ATOM   391 C  C4    . DG  B 1 9  ? -8.938  -3.174  4.574   1.00 11.09 ? 19  DG  B C4    1 
ATOM   392 P  P     . DC  B 1 10 ? -13.941 -5.138  7.472   1.00 14.76 ? 20  DC  B P     1 
ATOM   393 O  OP1   . DC  B 1 10 ? -14.709 -5.860  8.542   1.00 16.20 ? 20  DC  B OP1   1 
ATOM   394 O  OP2   . DC  B 1 10 ? -14.588 -4.748  6.245   1.00 17.12 ? 20  DC  B OP2   1 
ATOM   395 O  "O5'" . DC  B 1 10 ? -13.301 -3.830  8.113   1.00 12.87 ? 20  DC  B "O5'" 1 
ATOM   396 C  "C5'" . DC  B 1 10 ? -12.676 -3.852  9.406   1.00 14.90 ? 20  DC  B "C5'" 1 
ATOM   397 C  "C4'" . DC  B 1 10 ? -12.245 -2.438  9.767   1.00 16.33 ? 20  DC  B "C4'" 1 
ATOM   398 O  "O4'" . DC  B 1 10 ? -11.248 -2.047  8.792   1.00 11.69 ? 20  DC  B "O4'" 1 
ATOM   399 C  "C3'" . DC  B 1 10 ? -13.285 -1.331  9.648   1.00 13.48 ? 20  DC  B "C3'" 1 
ATOM   400 O  "O3'" . DC  B 1 10 ? -14.058 -1.204  10.833  1.00 15.44 ? 20  DC  B "O3'" 1 
ATOM   401 C  "C2'" . DC  B 1 10 ? -12.418 -0.087  9.428   1.00 15.82 ? 20  DC  B "C2'" 1 
ATOM   402 C  "C1'" . DC  B 1 10 ? -11.305 -0.644  8.555   1.00 12.53 ? 20  DC  B "C1'" 1 
ATOM   403 N  N1    . DC  B 1 10 ? -11.536 -0.462  7.102   1.00 11.06 ? 20  DC  B N1    1 
ATOM   404 C  C2    . DC  B 1 10 ? -11.200 0.800   6.575   1.00 11.60 ? 20  DC  B C2    1 
ATOM   405 O  O2    . DC  B 1 10 ? -10.879 1.742   7.299   1.00 12.59 ? 20  DC  B O2    1 
ATOM   406 N  N3    . DC  B 1 10 ? -11.233 0.995   5.217   1.00 10.03 ? 20  DC  B N3    1 
ATOM   407 C  C4    . DC  B 1 10 ? -11.550 -0.042  4.433   1.00 13.17 ? 20  DC  B C4    1 
ATOM   408 N  N4    . DC  B 1 10 ? -11.583 0.168   3.105   1.00 15.04 ? 20  DC  B N4    1 
ATOM   409 C  C5    . DC  B 1 10 ? -12.047 -1.290  4.932   1.00 10.12 ? 20  DC  B C5    1 
ATOM   410 C  C6    . DC  B 1 10 ? -11.906 -1.461  6.261   1.00 11.20 ? 20  DC  B C6    1 
HETATM 411 MG MG    . MG  C 2 .  ? -2.913  1.665   0.531   1.00 24.31 ? 24  MG  A MG    1 
HETATM 412 MG MG    . MG  D 2 .  ? -10.024 -1.822  -1.921  1.00 20.28 ? 21  MG  B MG    1 
HETATM 413 MG MG    . MG  E 2 .  ? 4.566   2.120   1.394   1.00 24.67 ? 22  MG  B MG    1 
HETATM 414 MG MG    . MG  F 2 .  ? -16.334 -5.128  11.817  1.00 25.39 ? 23  MG  B MG    1 
HETATM 415 O  O     . HOH G 3 .  ? -7.780  2.625   9.095   1.00 14.40 ? 102 HOH A O     1 
HETATM 416 O  O     . HOH G 3 .  ? -9.787  9.120   6.178   1.00 14.95 ? 104 HOH A O     1 
HETATM 417 O  O     . HOH G 3 .  ? 1.131   0.065   1.374   1.00 19.10 ? 105 HOH A O     1 
HETATM 418 O  O     . HOH G 3 .  ? -6.303  1.200   11.160  1.00 18.17 ? 107 HOH A O     1 
HETATM 419 O  O     . HOH G 3 .  ? 1.913   -1.239  3.523   1.00 17.81 ? 111 HOH A O     1 
HETATM 420 O  O     . HOH G 3 .  ? 2.122   -1.112  6.232   1.00 19.77 ? 113 HOH A O     1 
HETATM 421 O  O     . HOH G 3 .  ? 17.671  7.602   -8.686  1.00 16.99 ? 114 HOH A O     1 
HETATM 422 O  O     . HOH G 3 .  ? -2.381  4.808   3.474   1.00 31.97 ? 117 HOH A O     1 
HETATM 423 O  O     . HOH G 3 .  ? 12.506  -0.365  -4.209  1.00 23.64 ? 120 HOH A O     1 
HETATM 424 O  O     . HOH G 3 .  ? 9.498   7.071   -8.025  1.00 28.69 ? 121 HOH A O     1 
HETATM 425 O  O     . HOH G 3 .  ? 9.572   -2.131  -1.107  1.00 32.94 ? 122 HOH A O     1 
HETATM 426 O  O     . HOH G 3 .  ? -4.357  -4.183  9.681   1.00 21.14 ? 123 HOH A O     1 
HETATM 427 O  O     . HOH G 3 .  ? 15.444  2.175   -6.368  1.00 29.82 ? 125 HOH A O     1 
HETATM 428 O  O     . HOH G 3 .  ? 0.411   -9.451  0.736   1.00 22.20 ? 126 HOH A O     1 
HETATM 429 O  O     . HOH G 3 .  ? 0.257   2.449   6.102   1.00 21.46 ? 127 HOH A O     1 
HETATM 430 O  O     . HOH G 3 .  ? 16.988  1.855   -10.111 1.00 28.23 ? 128 HOH A O     1 
HETATM 431 O  O     . HOH G 3 .  ? 11.459  10.295  -3.464  1.00 18.29 ? 130 HOH A O     1 
HETATM 432 O  O     . HOH G 3 .  ? 7.491   -3.039  -0.136  1.00 26.41 ? 131 HOH A O     1 
HETATM 433 O  O     . HOH G 3 .  ? 14.547  6.178   -12.312 1.00 24.16 ? 136 HOH A O     1 
HETATM 434 O  O     . HOH G 3 .  ? 8.655   10.010  -5.849  1.00 30.06 ? 137 HOH A O     1 
HETATM 435 O  O     . HOH G 3 .  ? -11.285 2.251   -0.537  1.00 30.67 ? 139 HOH A O     1 
HETATM 436 O  O     . HOH G 3 .  ? 14.420  -3.496  -11.999 1.00 29.51 ? 141 HOH A O     1 
HETATM 437 O  O     . HOH G 3 .  ? 7.938   -5.393  1.478   1.00 28.69 ? 145 HOH A O     1 
HETATM 438 O  O     . HOH G 3 .  ? -2.284  -8.137  5.190   1.00 28.95 ? 150 HOH A O     1 
HETATM 439 O  O     . HOH G 3 .  ? -4.272  5.900   0.344   1.00 26.28 ? 154 HOH A O     1 
HETATM 440 O  O     . HOH G 3 .  ? 0.431   2.250   3.312   1.00 28.89 ? 156 HOH A O     1 
HETATM 441 O  O     . HOH G 3 .  ? 15.749  0.613   -12.452 1.00 33.88 ? 158 HOH A O     1 
HETATM 442 O  O     . HOH G 3 .  ? 0.214   7.390   9.113   1.00 33.85 ? 161 HOH A O     1 
HETATM 443 O  O     . HOH G 3 .  ? 8.547   -10.683 2.557   1.00 32.71 ? 164 HOH A O     1 
HETATM 444 O  O     . HOH G 3 .  ? 12.384  -2.698  -3.718  1.00 29.11 ? 172 HOH A O     1 
HETATM 445 O  O     . HOH G 3 .  ? -6.858  3.642   -0.523  1.00 30.21 ? 173 HOH A O     1 
HETATM 446 O  O     . HOH G 3 .  ? 7.240   -2.176  7.941   1.00 29.23 ? 177 HOH A O     1 
HETATM 447 O  O     . HOH G 3 .  ? -5.784  13.193  6.767   1.00 31.62 ? 178 HOH A O     1 
HETATM 448 O  O     . HOH G 3 .  ? 8.137   -0.371  0.501   1.00 42.46 ? 179 HOH A O     1 
HETATM 449 O  O     . HOH G 3 .  ? 10.284  -11.552 -3.508  1.00 32.79 ? 183 HOH A O     1 
HETATM 450 O  O     . HOH G 3 .  ? 10.821  -1.921  1.324   1.00 34.79 ? 184 HOH A O     1 
HETATM 451 O  O     . HOH G 3 .  ? -2.593  10.268  5.887   1.00 27.96 ? 188 HOH A O     1 
HETATM 452 O  O     . HOH G 3 .  ? -5.973  11.614  4.875   1.00 27.73 ? 189 HOH A O     1 
HETATM 453 O  O     . HOH G 3 .  ? 10.841  0.203   -1.133  1.00 38.87 ? 190 HOH A O     1 
HETATM 454 O  O     . HOH G 3 .  ? 7.379   -4.888  5.534   1.00 46.19 ? 192 HOH A O     1 
HETATM 455 O  O     . HOH G 3 .  ? 5.243   -2.781  5.562   1.00 30.40 ? 193 HOH A O     1 
HETATM 456 O  O     . HOH G 3 .  ? 4.258   0.160   1.945   1.00 27.04 ? 205 HOH A O     1 
HETATM 457 O  O     . HOH G 3 .  ? -4.259  2.927   -0.350  1.00 22.33 ? 215 HOH A O     1 
HETATM 458 O  O     . HOH G 3 .  ? -1.556  0.448   1.469   1.00 16.49 ? 216 HOH A O     1 
HETATM 459 O  O     . HOH G 3 .  ? -4.335  0.187   0.561   1.00 23.45 ? 217 HOH A O     1 
HETATM 460 O  O     . HOH G 3 .  ? -3.546  2.345   2.375   1.00 17.55 ? 218 HOH A O     1 
HETATM 461 O  O     . HOH H 3 .  ? 4.317   0.440   -9.403  1.00 14.46 ? 101 HOH B O     1 
HETATM 462 O  O     . HOH H 3 .  ? -5.720  -2.266  -3.227  1.00 18.05 ? 103 HOH B O     1 
HETATM 463 O  O     . HOH H 3 .  ? 2.722   -3.921  -7.246  1.00 18.78 ? 106 HOH B O     1 
HETATM 464 O  O     . HOH H 3 .  ? -12.646 -1.826  1.221   1.00 16.38 ? 108 HOH B O     1 
HETATM 465 O  O     . HOH H 3 .  ? -5.085  -8.684  4.598   1.00 22.64 ? 109 HOH B O     1 
HETATM 466 O  O     . HOH H 3 .  ? 9.752   11.103  3.177   1.00 20.65 ? 110 HOH B O     1 
HETATM 467 O  O     . HOH H 3 .  ? -12.694 -0.319  12.829  1.00 14.86 ? 112 HOH B O     1 
HETATM 468 O  O     . HOH H 3 .  ? -3.784  -9.837  0.737   1.00 23.21 ? 115 HOH B O     1 
HETATM 469 O  O     . HOH H 3 .  ? -5.965  -2.144  -5.898  1.00 20.45 ? 116 HOH B O     1 
HETATM 470 O  O     . HOH H 3 .  ? -6.192  -0.059  -1.618  1.00 26.78 ? 118 HOH B O     1 
HETATM 471 O  O     . HOH H 3 .  ? -11.012 -5.779  -1.642  1.00 19.70 ? 119 HOH B O     1 
HETATM 472 O  O     . HOH H 3 .  ? -11.542 -6.482  1.000   1.00 20.18 ? 124 HOH B O     1 
HETATM 473 O  O     . HOH H 3 .  ? 8.545   10.647  -3.218  1.00 18.43 ? 129 HOH B O     1 
HETATM 474 O  O     . HOH H 3 .  ? -14.507 -3.582  3.801   1.00 27.14 ? 132 HOH B O     1 
HETATM 475 O  O     . HOH H 3 .  ? -17.317 -5.554  5.887   1.00 23.01 ? 133 HOH B O     1 
HETATM 476 O  O     . HOH H 3 .  ? 6.132   6.703   -7.797  1.00 21.92 ? 134 HOH B O     1 
HETATM 477 O  O     . HOH H 3 .  ? -14.025 -8.384  11.672  1.00 30.53 ? 135 HOH B O     1 
HETATM 478 O  O     . HOH H 3 .  ? -8.545  -4.984  -4.049  1.00 21.52 ? 138 HOH B O     1 
HETATM 479 O  O     . HOH H 3 .  ? -13.268 -4.375  1.574   1.00 23.76 ? 140 HOH B O     1 
HETATM 480 O  O     . HOH H 3 .  ? -0.898  2.875   -2.940  1.00 20.87 ? 142 HOH B O     1 
HETATM 481 O  O     . HOH H 3 .  ? -2.122  8.400   -8.655  1.00 32.41 ? 143 HOH B O     1 
HETATM 482 O  O     . HOH H 3 .  ? 3.612   6.225   1.651   1.00 29.40 ? 144 HOH B O     1 
HETATM 483 O  O     . HOH H 3 .  ? 5.716   12.692  -3.918  1.00 33.62 ? 146 HOH B O     1 
HETATM 484 O  O     . HOH H 3 .  ? -5.050  1.716   -6.873  1.00 26.54 ? 147 HOH B O     1 
HETATM 485 O  O     . HOH H 3 .  ? -3.558  2.074   -2.970  1.00 28.74 ? 148 HOH B O     1 
HETATM 486 O  O     . HOH H 3 .  ? -1.244  5.421   -3.508  1.00 30.45 ? 149 HOH B O     1 
HETATM 487 O  O     . HOH H 3 .  ? -19.686 -5.947  13.554  1.00 27.62 ? 151 HOH B O     1 
HETATM 488 O  O     . HOH H 3 .  ? -13.408 -6.168  14.839  1.00 28.19 ? 152 HOH B O     1 
HETATM 489 O  O     . HOH H 3 .  ? 0.967   4.495   0.363   1.00 31.18 ? 153 HOH B O     1 
HETATM 490 O  O     . HOH H 3 .  ? 2.950   10.823  -7.503  1.00 26.86 ? 155 HOH B O     1 
HETATM 491 O  O     . HOH H 3 .  ? -12.539 -13.165 1.641   1.00 32.89 ? 157 HOH B O     1 
HETATM 492 O  O     . HOH H 3 .  ? -2.892  10.142  -4.678  1.00 32.10 ? 159 HOH B O     1 
HETATM 493 O  O     . HOH H 3 .  ? -18.242 -8.916  10.866  1.00 34.20 ? 160 HOH B O     1 
HETATM 494 O  O     . HOH H 3 .  ? -20.332 -7.306  11.817  1.00 25.24 ? 162 HOH B O     1 
HETATM 495 O  O     . HOH H 3 .  ? -3.117  2.814   -5.640  1.00 31.18 ? 163 HOH B O     1 
HETATM 496 O  O     . HOH H 3 .  ? -14.723 -10.861 3.857   1.00 35.07 ? 165 HOH B O     1 
HETATM 497 O  O     . HOH H 3 .  ? -11.013 -7.053  -5.412  1.00 40.50 ? 166 HOH B O     1 
HETATM 498 O  O     . HOH H 3 .  ? 5.934   14.167  -0.038  1.00 38.62 ? 167 HOH B O     1 
HETATM 499 O  O     . HOH H 3 .  ? 1.906   8.858   3.603   1.00 36.63 ? 168 HOH B O     1 
HETATM 500 O  O     . HOH H 3 .  ? 8.660   2.077   2.491   1.00 27.10 ? 169 HOH B O     1 
HETATM 501 O  O     . HOH H 3 .  ? -11.058 -13.777 -0.736  1.00 39.63 ? 170 HOH B O     1 
HETATM 502 O  O     . HOH H 3 .  ? -8.583  -3.276  -8.704  1.00 31.63 ? 171 HOH B O     1 
HETATM 503 O  O     . HOH H 3 .  ? -8.341  -0.787  -5.737  1.00 26.92 ? 174 HOH B O     1 
HETATM 504 O  O     . HOH H 3 .  ? -15.945 -8.153  7.275   1.00 31.09 ? 175 HOH B O     1 
HETATM 505 O  O     . HOH H 3 .  ? 7.756   14.575  2.370   1.00 32.51 ? 176 HOH B O     1 
HETATM 506 O  O     . HOH H 3 .  ? -13.527 -6.257  -2.583  1.00 41.13 ? 180 HOH B O     1 
HETATM 507 O  O     . HOH H 3 .  ? 6.523   3.854   4.296   1.00 46.32 ? 181 HOH B O     1 
HETATM 508 O  O     . HOH H 3 .  ? 3.336   13.910  -3.421  1.00 34.15 ? 182 HOH B O     1 
HETATM 509 O  O     . HOH H 3 .  ? 12.186  1.811   4.700   1.00 29.87 ? 185 HOH B O     1 
HETATM 510 O  O     . HOH H 3 .  ? -16.996 -12.394 5.741   1.00 42.90 ? 186 HOH B O     1 
HETATM 511 O  O     . HOH H 3 .  ? -2.585  7.059   -6.580  1.00 27.51 ? 187 HOH B O     1 
HETATM 512 O  O     . HOH H 3 .  ? -18.524 -7.703  15.318  1.00 40.71 ? 191 HOH B O     1 
HETATM 513 O  O     . HOH H 3 .  ? -14.122 -8.812  -2.851  1.00 49.80 ? 194 HOH B O     1 
HETATM 514 O  O     . HOH H 3 .  ? -9.928  -7.478  -7.727  1.00 33.52 ? 195 HOH B O     1 
HETATM 515 O  O     . HOH H 3 .  ? -13.522 -9.941  -0.019  1.00 40.28 ? 196 HOH B O     1 
HETATM 516 O  O     . HOH H 3 .  ? -11.622 -0.786  -1.115  1.00 29.68 ? 197 HOH B O     1 
HETATM 517 O  O     . HOH H 3 .  ? -8.412  -2.813  -2.732  1.00 20.90 ? 198 HOH B O     1 
HETATM 518 O  O     . HOH H 3 .  ? -10.306 -3.273  -0.468  1.00 18.65 ? 199 HOH B O     1 
HETATM 519 O  O     . HOH H 3 .  ? -8.738  -0.814  -0.667  1.00 26.93 ? 200 HOH B O     1 
HETATM 520 O  O     . HOH H 3 .  ? -9.847  -0.344  -3.346  1.00 24.69 ? 201 HOH B O     1 
HETATM 521 O  O     . HOH H 3 .  ? -11.333 -2.856  -3.127  1.00 29.42 ? 202 HOH B O     1 
HETATM 522 O  O     . HOH H 3 .  ? 3.352   2.790   2.908   1.00 27.69 ? 203 HOH B O     1 
HETATM 523 O  O     . HOH H 3 .  ? 5.876   1.476   -0.058  1.00 21.45 ? 204 HOH B O     1 
HETATM 524 O  O     . HOH H 3 .  ? 6.150   2.238   2.704   1.00 32.64 ? 206 HOH B O     1 
HETATM 525 O  O     . HOH H 3 .  ? 4.878   4.051   0.725   1.00 24.20 ? 207 HOH B O     1 
HETATM 526 O  O     . HOH H 3 .  ? 2.943   2.016   0.141   1.00 19.92 ? 208 HOH B O     1 
HETATM 527 O  O     . HOH H 3 .  ? -18.121 -4.262  12.388  1.00 24.84 ? 209 HOH B O     1 
HETATM 528 O  O     . HOH H 3 .  ? -14.517 -5.948  11.311  1.00 39.77 ? 210 HOH B O     1 
HETATM 529 O  O     . HOH H 3 .  ? -15.828 -5.303  13.818  1.00 44.71 ? 211 HOH B O     1 
HETATM 530 O  O     . HOH H 3 .  ? -15.502 -3.246  11.789  1.00 23.80 ? 212 HOH B O     1 
HETATM 531 O  O     . HOH H 3 .  ? -16.866 -4.915  9.850   1.00 19.69 ? 213 HOH B O     1 
HETATM 532 O  O     . HOH H 3 .  ? -17.207 -6.981  11.893  1.00 46.60 ? 214 HOH B O     1 
HETATM 533 O  O     . HOH H 3 .  ? -1.442  3.107   0.451   1.00 27.13 ? 219 HOH B O     1 
HETATM 534 O  O     . HOH H 3 .  ? -2.295  0.873   -1.291  1.00 19.95 ? 220 HOH B O     1 
# 
